data_8ZTN
#
_entry.id   8ZTN
#
_cell.length_a   1.00
_cell.length_b   1.00
_cell.length_c   1.00
_cell.angle_alpha   90.00
_cell.angle_beta   90.00
_cell.angle_gamma   90.00
#
_symmetry.space_group_name_H-M   'P 1'
#
loop_
_entity.id
_entity.type
_entity.pdbx_description
1 polymer 'Aluminum-activated malate transporter 9'
2 non-polymer 1,2-DIACYL-GLYCEROL-3-SN-PHOSPHATE
3 water water
#
_entity_poly.entity_id   1
_entity_poly.type   'polypeptide(L)'
_entity_poly.pdbx_seq_one_letter_code
;MAAKQGSFRHGILEKRERLLSNNGFSDFRFTDIESNDLLENENCGRRTRLCCCCSCGNLSEKISGVYDDAKDVARKAWEM
GVSDPRKIVFSAKIGLALTIVALLIFYQEPNPDLSRYSVWAILTVVVVFEFTIGATLSKGFNRALGTLSAGGLALGMAEL
STLFGDWEEIFCTLSIFCIGFLATFMKLYPSMKAYEYGFRVFLLTYCYILISGFRTGQFIEVAISRFLLIALGAGVSLGV
NMFIYPIWAGEDLHNLVVKNFMNVATSLEGCVNGYLRCLEYERIPSKILTYQASEDPVYKGYRSAVESTSQEESLMSFAI
WEPPHGPYKSFNYPWKNYVKLSGALKHCAFTVMALHGCILSEIQAPEERRQVFRQELQRVGVEGAKLLRELGEKVKKMEK
LGPVDLLFEVHLAAEELQHKIDKKSYLLVNSECWEIGNRATKESEPQELLSLEDSDPPENHAPPIYAFKSLSEAVLEIPP
SWGEKNHREALNHRPTFSKQVSWPARLVLPPHLETTNGASPLVETTKTYESASALSLATFASLLIEFVARLQNVVDAFKE
LSQKANFKEPEIVTTGTDVEFSGERVGLGQKIRRCFGM
;
_entity_poly.pdbx_strand_id   A,B
#
# COMPACT_ATOMS: atom_id res chain seq x y z
N ALA A 77 0.58 16.01 18.25
CA ALA A 77 -0.20 17.22 18.07
C ALA A 77 0.71 18.45 17.94
N TRP A 78 0.73 19.27 18.99
CA TRP A 78 1.57 20.47 18.97
C TRP A 78 3.02 20.12 18.65
N GLU A 79 3.52 19.02 19.22
CA GLU A 79 4.88 18.58 18.90
C GLU A 79 5.04 18.30 17.41
N MET A 80 4.00 17.75 16.78
CA MET A 80 4.09 17.50 15.33
C MET A 80 4.02 18.78 14.54
N GLY A 81 3.24 19.76 15.02
CA GLY A 81 3.19 21.04 14.33
C GLY A 81 4.50 21.80 14.42
N VAL A 82 5.15 21.74 15.58
CA VAL A 82 6.45 22.39 15.74
C VAL A 82 7.51 21.65 14.95
N SER A 83 7.40 20.31 14.88
CA SER A 83 8.36 19.54 14.09
C SER A 83 8.24 19.86 12.60
N ASP A 84 7.02 19.86 12.08
CA ASP A 84 6.77 20.14 10.66
C ASP A 84 5.79 21.29 10.54
N PRO A 85 6.22 22.47 10.07
CA PRO A 85 5.29 23.60 9.93
C PRO A 85 4.50 23.60 8.63
N ARG A 86 4.74 22.64 7.73
CA ARG A 86 3.98 22.57 6.49
C ARG A 86 2.55 22.09 6.70
N LYS A 87 2.23 21.54 7.87
CA LYS A 87 0.90 21.03 8.17
C LYS A 87 0.04 22.03 8.93
N ILE A 88 0.59 23.19 9.28
CA ILE A 88 -0.16 24.24 9.96
C ILE A 88 -0.63 25.32 9.00
N VAL A 89 -0.09 25.35 7.78
CA VAL A 89 -0.53 26.32 6.78
C VAL A 89 -1.64 25.74 5.91
N PHE A 90 -1.60 24.43 5.63
CA PHE A 90 -2.65 23.79 4.87
C PHE A 90 -4.00 23.87 5.60
N SER A 91 -3.99 23.64 6.91
CA SER A 91 -5.22 23.71 7.69
C SER A 91 -5.78 25.12 7.71
N ALA A 92 -4.93 26.12 7.88
CA ALA A 92 -5.41 27.50 7.87
C ALA A 92 -5.84 27.94 6.48
N LYS A 93 -5.31 27.32 5.42
CA LYS A 93 -5.77 27.65 4.08
C LYS A 93 -7.13 27.04 3.79
N ILE A 94 -7.42 25.88 4.38
CA ILE A 94 -8.75 25.31 4.19
C ILE A 94 -9.75 26.06 5.07
N GLY A 95 -9.32 26.56 6.22
CA GLY A 95 -10.20 27.39 7.02
C GLY A 95 -10.49 28.73 6.35
N LEU A 96 -9.50 29.28 5.65
CA LEU A 96 -9.71 30.54 4.94
C LEU A 96 -10.66 30.37 3.77
N ALA A 97 -10.48 29.30 2.97
CA ALA A 97 -11.41 29.06 1.87
C ALA A 97 -12.83 28.84 2.38
N LEU A 98 -12.97 28.05 3.46
CA LEU A 98 -14.29 27.78 4.00
C LEU A 98 -14.94 29.06 4.52
N THR A 99 -14.18 29.89 5.22
CA THR A 99 -14.71 31.16 5.72
C THR A 99 -15.11 32.09 4.59
N ILE A 100 -14.37 32.10 3.49
CA ILE A 100 -14.72 32.97 2.37
C ILE A 100 -16.06 32.52 1.76
N VAL A 101 -16.22 31.22 1.54
CA VAL A 101 -17.47 30.74 0.98
C VAL A 101 -18.62 31.01 1.95
N ALA A 102 -18.37 30.83 3.25
CA ALA A 102 -19.43 31.06 4.24
C ALA A 102 -19.86 32.51 4.26
N LEU A 103 -18.91 33.44 4.18
CA LEU A 103 -19.28 34.86 4.14
C LEU A 103 -20.05 35.19 2.88
N LEU A 104 -19.64 34.63 1.74
CA LEU A 104 -20.36 34.90 0.50
C LEU A 104 -21.75 34.29 0.49
N ILE A 105 -21.99 33.26 1.31
CA ILE A 105 -23.32 32.68 1.37
C ILE A 105 -24.20 33.46 2.36
N PHE A 106 -23.64 33.87 3.50
CA PHE A 106 -24.41 34.64 4.46
C PHE A 106 -24.80 36.01 3.91
N TYR A 107 -23.88 36.68 3.23
CA TYR A 107 -24.11 38.05 2.76
C TYR A 107 -24.35 38.04 1.24
N GLN A 108 -25.61 37.83 0.85
CA GLN A 108 -25.98 37.88 -0.55
C GLN A 108 -27.44 38.30 -0.64
N GLU A 109 -27.83 38.77 -1.82
CA GLU A 109 -29.21 39.19 -2.04
C GLU A 109 -30.14 37.99 -1.99
N PRO A 110 -31.22 38.03 -1.20
CA PRO A 110 -32.10 36.86 -1.10
C PRO A 110 -32.84 36.59 -2.40
N ASN A 111 -33.03 35.31 -2.70
CA ASN A 111 -33.77 34.88 -3.88
C ASN A 111 -34.32 33.50 -3.56
N PRO A 112 -35.46 33.12 -4.13
CA PRO A 112 -36.06 31.82 -3.77
C PRO A 112 -35.19 30.61 -4.08
N ASP A 113 -34.71 30.46 -5.32
CA ASP A 113 -34.01 29.22 -5.66
C ASP A 113 -32.68 29.08 -4.93
N LEU A 114 -31.87 30.14 -4.85
CA LEU A 114 -30.58 30.01 -4.19
C LEU A 114 -30.74 29.52 -2.75
N SER A 115 -31.69 30.09 -2.01
CA SER A 115 -31.84 29.80 -0.58
C SER A 115 -31.75 28.31 -0.27
N ARG A 116 -32.35 27.46 -1.12
CA ARG A 116 -32.36 26.03 -0.81
C ARG A 116 -31.22 25.26 -1.45
N TYR A 117 -30.54 25.83 -2.45
CA TYR A 117 -29.44 25.15 -3.12
C TYR A 117 -28.11 25.88 -2.96
N SER A 118 -27.96 26.68 -1.91
CA SER A 118 -26.74 27.48 -1.75
C SER A 118 -25.69 26.79 -0.90
N VAL A 119 -26.07 25.70 -0.21
CA VAL A 119 -25.11 24.93 0.59
C VAL A 119 -24.25 24.02 -0.27
N TRP A 120 -24.52 23.96 -1.58
CA TRP A 120 -23.77 23.12 -2.50
C TRP A 120 -22.38 23.65 -2.80
N ALA A 121 -22.06 24.87 -2.38
CA ALA A 121 -20.75 25.47 -2.64
C ALA A 121 -19.78 25.31 -1.49
N ILE A 122 -20.25 25.29 -0.24
CA ILE A 122 -19.36 25.05 0.89
C ILE A 122 -19.01 23.58 1.07
N LEU A 123 -19.71 22.68 0.38
CA LEU A 123 -19.43 21.26 0.47
C LEU A 123 -18.48 20.77 -0.61
N THR A 124 -18.27 21.56 -1.66
CA THR A 124 -17.28 21.22 -2.70
C THR A 124 -15.87 21.51 -2.24
N VAL A 125 -15.70 22.54 -1.40
CA VAL A 125 -14.38 22.87 -0.86
C VAL A 125 -13.86 21.72 -0.02
N VAL A 126 -14.74 21.07 0.74
CA VAL A 126 -14.34 19.96 1.60
C VAL A 126 -14.03 18.70 0.81
N VAL A 127 -14.37 18.66 -0.48
CA VAL A 127 -14.18 17.46 -1.29
C VAL A 127 -13.14 17.64 -2.39
N VAL A 128 -12.68 18.86 -2.67
CA VAL A 128 -11.74 19.08 -3.76
C VAL A 128 -10.39 19.63 -3.30
N PHE A 129 -10.22 19.94 -2.02
CA PHE A 129 -8.98 20.53 -1.52
C PHE A 129 -8.00 19.41 -1.17
N GLU A 130 -6.90 19.32 -1.92
CA GLU A 130 -5.87 18.30 -1.70
C GLU A 130 -4.53 18.93 -1.30
N PHE A 131 -3.60 18.05 -0.91
CA PHE A 131 -2.31 18.49 -0.40
C PHE A 131 -1.47 19.17 -1.47
N THR A 132 -1.46 18.64 -2.69
CA THR A 132 -0.66 19.18 -3.78
C THR A 132 -1.55 19.73 -4.89
N ILE A 133 -0.95 20.57 -5.74
CA ILE A 133 -1.68 21.16 -6.85
C ILE A 133 -1.95 20.13 -7.94
N GLY A 134 -0.97 19.28 -8.21
CA GLY A 134 -1.13 18.27 -9.25
C GLY A 134 -2.33 17.39 -9.01
N ALA A 135 -2.37 16.74 -7.86
CA ALA A 135 -3.49 15.86 -7.55
C ALA A 135 -4.80 16.64 -7.62
N THR A 136 -4.81 17.82 -7.00
CA THR A 136 -6.00 18.66 -7.04
C THR A 136 -6.52 18.74 -8.47
N LEU A 137 -5.62 18.95 -9.42
CA LEU A 137 -6.01 19.05 -10.83
C LEU A 137 -6.45 17.70 -11.37
N SER A 138 -5.67 16.66 -11.12
CA SER A 138 -6.01 15.33 -11.66
C SER A 138 -7.36 14.85 -11.12
N LYS A 139 -7.53 14.89 -9.79
CA LYS A 139 -8.76 14.38 -9.22
C LYS A 139 -9.96 15.23 -9.60
N GLY A 140 -9.80 16.56 -9.71
CA GLY A 140 -10.91 17.37 -10.14
C GLY A 140 -11.30 17.11 -11.57
N PHE A 141 -10.32 16.76 -12.41
CA PHE A 141 -10.61 16.42 -13.80
C PHE A 141 -11.43 15.15 -13.90
N ASN A 142 -11.03 14.11 -13.18
CA ASN A 142 -11.75 12.84 -13.21
C ASN A 142 -13.14 12.97 -12.60
N ARG A 143 -13.28 13.80 -11.57
CA ARG A 143 -14.58 14.01 -10.95
C ARG A 143 -15.51 14.80 -11.88
N ALA A 144 -14.99 15.78 -12.60
CA ALA A 144 -15.82 16.51 -13.55
C ALA A 144 -16.25 15.60 -14.70
N LEU A 145 -15.36 14.70 -15.14
CA LEU A 145 -15.74 13.79 -16.21
C LEU A 145 -16.85 12.87 -15.76
N GLY A 146 -16.73 12.32 -14.55
CA GLY A 146 -17.79 11.45 -14.04
C GLY A 146 -19.12 12.18 -13.90
N THR A 147 -19.08 13.40 -13.34
CA THR A 147 -20.31 14.15 -13.14
C THR A 147 -20.99 14.47 -14.47
N LEU A 148 -20.22 14.93 -15.46
CA LEU A 148 -20.83 15.35 -16.71
C LEU A 148 -21.38 14.16 -17.49
N SER A 149 -20.65 13.03 -17.49
CA SER A 149 -21.17 11.85 -18.17
C SER A 149 -22.44 11.34 -17.50
N ALA A 150 -22.44 11.27 -16.17
CA ALA A 150 -23.63 10.79 -15.47
C ALA A 150 -24.82 11.71 -15.71
N GLY A 151 -24.61 13.02 -15.70
CA GLY A 151 -25.70 13.94 -15.93
C GLY A 151 -26.27 13.86 -17.33
N GLY A 152 -25.41 13.74 -18.34
CA GLY A 152 -25.90 13.60 -19.69
C GLY A 152 -26.69 12.32 -19.88
N LEU A 153 -26.19 11.21 -19.32
CA LEU A 153 -26.90 9.95 -19.45
C LEU A 153 -28.24 10.00 -18.73
N ALA A 154 -28.28 10.55 -17.52
CA ALA A 154 -29.53 10.66 -16.79
C ALA A 154 -30.55 11.49 -17.55
N LEU A 155 -30.12 12.64 -18.11
CA LEU A 155 -31.06 13.47 -18.84
C LEU A 155 -31.60 12.76 -20.07
N GLY A 156 -30.72 12.07 -20.81
CA GLY A 156 -31.19 11.34 -21.98
C GLY A 156 -32.18 10.24 -21.64
N MET A 157 -31.89 9.48 -20.57
CA MET A 157 -32.83 8.42 -20.18
C MET A 157 -34.14 8.99 -19.67
N ALA A 158 -34.09 10.12 -18.96
CA ALA A 158 -35.32 10.75 -18.51
C ALA A 158 -36.17 11.21 -19.68
N GLU A 159 -35.53 11.74 -20.72
CA GLU A 159 -36.26 12.09 -21.93
C GLU A 159 -36.89 10.87 -22.57
N LEU A 160 -36.12 9.79 -22.73
CA LEU A 160 -36.63 8.61 -23.39
C LEU A 160 -37.76 7.95 -22.60
N SER A 161 -37.78 8.12 -21.27
CA SER A 161 -38.78 7.43 -20.45
C SER A 161 -40.20 7.74 -20.88
N THR A 162 -40.44 8.90 -21.48
CA THR A 162 -41.81 9.32 -21.79
C THR A 162 -42.50 8.33 -22.72
N LEU A 163 -41.78 7.81 -23.72
CA LEU A 163 -42.39 6.92 -24.71
C LEU A 163 -43.27 5.86 -24.04
N PHE A 164 -42.75 5.18 -23.02
CA PHE A 164 -43.54 4.21 -22.26
C PHE A 164 -44.45 4.97 -21.28
N GLY A 165 -45.49 5.58 -21.86
CA GLY A 165 -46.37 6.41 -21.08
C GLY A 165 -47.03 5.68 -19.92
N ASP A 166 -47.52 4.46 -20.18
CA ASP A 166 -48.26 3.74 -19.15
C ASP A 166 -47.38 3.39 -17.95
N TRP A 167 -46.15 2.97 -18.19
CA TRP A 167 -45.24 2.58 -17.12
C TRP A 167 -43.98 3.43 -17.19
N GLU A 168 -44.08 4.65 -16.64
CA GLU A 168 -42.91 5.52 -16.56
C GLU A 168 -42.02 5.15 -15.38
N GLU A 169 -42.63 5.01 -14.19
CA GLU A 169 -41.86 4.71 -12.99
C GLU A 169 -41.25 3.32 -13.06
N ILE A 170 -41.88 2.38 -13.76
CA ILE A 170 -41.30 1.05 -13.90
C ILE A 170 -40.00 1.12 -14.70
N PHE A 171 -40.02 1.84 -15.81
CA PHE A 171 -38.81 1.99 -16.63
C PHE A 171 -37.74 2.76 -15.87
N CYS A 172 -38.13 3.79 -15.13
CA CYS A 172 -37.15 4.57 -14.39
C CYS A 172 -36.52 3.76 -13.26
N THR A 173 -37.31 2.92 -12.59
CA THR A 173 -36.76 2.05 -11.55
C THR A 173 -36.04 0.84 -12.12
N LEU A 174 -36.25 0.52 -13.39
CA LEU A 174 -35.52 -0.57 -14.02
C LEU A 174 -34.23 -0.11 -14.68
N SER A 175 -34.04 1.21 -14.84
CA SER A 175 -32.77 1.71 -15.36
C SER A 175 -31.74 1.86 -14.25
N ILE A 176 -32.21 2.12 -13.02
CA ILE A 176 -31.32 2.23 -11.87
C ILE A 176 -30.62 0.90 -11.61
N PHE A 177 -31.35 -0.21 -11.74
CA PHE A 177 -30.74 -1.52 -11.53
C PHE A 177 -29.61 -1.76 -12.52
N CYS A 178 -29.87 -1.52 -13.80
CA CYS A 178 -28.85 -1.77 -14.82
C CYS A 178 -27.65 -0.87 -14.63
N ILE A 179 -27.87 0.41 -14.33
CA ILE A 179 -26.74 1.33 -14.18
C ILE A 179 -25.93 0.98 -12.94
N GLY A 180 -26.60 0.59 -11.85
CA GLY A 180 -25.88 0.19 -10.65
C GLY A 180 -25.07 -1.07 -10.88
N PHE A 181 -25.62 -2.02 -11.65
CA PHE A 181 -24.88 -3.25 -11.92
C PHE A 181 -23.65 -2.97 -12.76
N LEU A 182 -23.79 -2.15 -13.81
CA LEU A 182 -22.64 -1.89 -14.67
C LEU A 182 -21.59 -1.04 -13.96
N ALA A 183 -22.02 -0.09 -13.13
CA ALA A 183 -21.07 0.76 -12.42
C ALA A 183 -20.39 0.02 -11.26
N THR A 184 -21.00 -1.03 -10.74
CA THR A 184 -20.34 -1.83 -9.72
C THR A 184 -19.46 -2.92 -10.33
N PHE A 185 -19.76 -3.35 -11.55
CA PHE A 185 -18.91 -4.34 -12.19
C PHE A 185 -17.69 -3.72 -12.83
N MET A 186 -17.78 -2.47 -13.28
CA MET A 186 -16.64 -1.83 -13.92
C MET A 186 -15.64 -1.26 -12.92
N LYS A 187 -15.99 -1.13 -11.65
CA LYS A 187 -15.07 -0.65 -10.63
C LYS A 187 -14.32 -1.77 -9.93
N LEU A 188 -14.63 -3.02 -10.23
CA LEU A 188 -13.95 -4.15 -9.63
C LEU A 188 -12.83 -4.69 -10.52
N TYR A 189 -12.64 -4.11 -11.69
CA TYR A 189 -11.52 -4.50 -12.54
C TYR A 189 -10.21 -4.14 -11.83
N PRO A 190 -9.17 -4.97 -11.98
CA PRO A 190 -7.93 -4.71 -11.23
C PRO A 190 -7.18 -3.47 -11.67
N SER A 191 -7.43 -2.98 -12.89
CA SER A 191 -6.73 -1.79 -13.39
C SER A 191 -7.39 -0.48 -12.95
N MET A 192 -8.58 -0.55 -12.35
CA MET A 192 -9.33 0.64 -11.94
C MET A 192 -9.40 0.77 -10.42
N LYS A 193 -8.42 0.24 -9.71
CA LYS A 193 -8.46 0.24 -8.25
C LYS A 193 -8.24 1.64 -7.68
N ALA A 194 -7.53 2.51 -8.39
CA ALA A 194 -7.24 3.84 -7.91
C ALA A 194 -8.27 4.88 -8.35
N TYR A 195 -9.38 4.46 -8.98
CA TYR A 195 -10.35 5.40 -9.53
C TYR A 195 -11.75 5.20 -8.96
N GLU A 196 -11.89 4.74 -7.71
CA GLU A 196 -13.22 4.52 -7.18
C GLU A 196 -13.95 5.81 -6.85
N TYR A 197 -13.22 6.91 -6.68
CA TYR A 197 -13.83 8.19 -6.42
C TYR A 197 -14.50 8.76 -7.66
N GLY A 198 -14.22 8.20 -8.83
CA GLY A 198 -14.82 8.67 -10.06
C GLY A 198 -16.03 7.85 -10.44
N PHE A 199 -16.12 6.63 -9.90
CA PHE A 199 -17.30 5.80 -10.10
C PHE A 199 -18.37 6.08 -9.05
N ARG A 200 -17.96 6.51 -7.86
CA ARG A 200 -18.94 6.86 -6.84
C ARG A 200 -19.67 8.15 -7.21
N VAL A 201 -18.95 9.10 -7.80
CA VAL A 201 -19.58 10.35 -8.20
C VAL A 201 -20.51 10.11 -9.37
N PHE A 202 -20.20 9.14 -10.22
CA PHE A 202 -21.07 8.81 -11.35
C PHE A 202 -22.38 8.21 -10.86
N LEU A 203 -22.29 7.23 -9.95
CA LEU A 203 -23.52 6.62 -9.44
C LEU A 203 -24.37 7.64 -8.68
N LEU A 204 -23.72 8.47 -7.85
CA LEU A 204 -24.47 9.47 -7.09
C LEU A 204 -25.17 10.46 -8.01
N THR A 205 -24.46 10.96 -9.04
CA THR A 205 -25.07 11.93 -9.94
C THR A 205 -26.24 11.33 -10.68
N TYR A 206 -26.09 10.11 -11.20
CA TYR A 206 -27.18 9.49 -11.93
C TYR A 206 -28.41 9.34 -11.05
N CYS A 207 -28.22 8.79 -9.84
CA CYS A 207 -29.37 8.55 -8.97
C CYS A 207 -30.03 9.86 -8.55
N TYR A 208 -29.23 10.84 -8.13
CA TYR A 208 -29.79 12.12 -7.71
C TYR A 208 -30.61 12.76 -8.83
N ILE A 209 -30.08 12.77 -10.05
CA ILE A 209 -30.78 13.45 -11.13
C ILE A 209 -32.06 12.70 -11.49
N LEU A 210 -32.03 11.36 -11.45
CA LEU A 210 -33.24 10.63 -11.83
C LEU A 210 -34.32 10.73 -10.76
N ILE A 211 -33.95 10.65 -9.48
CA ILE A 211 -34.96 10.66 -8.42
C ILE A 211 -35.42 12.06 -8.03
N SER A 212 -34.64 13.09 -8.31
CA SER A 212 -34.98 14.44 -7.88
C SER A 212 -35.74 15.24 -8.94
N GLY A 213 -36.06 14.62 -10.08
CA GLY A 213 -36.73 15.32 -11.15
C GLY A 213 -38.06 14.70 -11.52
N PHE A 214 -38.36 13.54 -10.93
CA PHE A 214 -39.61 12.87 -11.23
C PHE A 214 -40.81 13.76 -10.89
N ARG A 215 -40.76 14.46 -9.76
CA ARG A 215 -41.78 15.42 -9.41
C ARG A 215 -41.50 16.75 -10.07
N THR A 216 -42.51 17.32 -10.73
CA THR A 216 -42.49 18.59 -11.44
C THR A 216 -41.87 18.45 -12.83
N GLY A 217 -41.28 17.31 -13.17
CA GLY A 217 -40.68 17.13 -14.48
C GLY A 217 -39.69 18.21 -14.88
N GLN A 218 -38.76 18.53 -13.98
CA GLN A 218 -37.73 19.53 -14.23
C GLN A 218 -36.37 18.85 -14.19
N PHE A 219 -35.76 18.69 -15.37
CA PHE A 219 -34.49 17.98 -15.49
C PHE A 219 -33.35 18.86 -16.01
N ILE A 220 -33.66 20.03 -16.56
CA ILE A 220 -32.62 20.94 -17.08
C ILE A 220 -32.39 22.11 -16.14
N GLU A 221 -33.19 22.24 -15.08
CA GLU A 221 -33.01 23.27 -14.07
C GLU A 221 -32.43 22.73 -12.77
N VAL A 222 -32.51 21.41 -12.55
CA VAL A 222 -31.94 20.81 -11.35
C VAL A 222 -30.45 20.51 -11.52
N ALA A 223 -29.89 20.77 -12.69
CA ALA A 223 -28.49 20.53 -12.96
C ALA A 223 -27.72 21.79 -13.33
N ILE A 224 -28.35 22.70 -14.07
CA ILE A 224 -27.65 23.90 -14.51
C ILE A 224 -27.40 24.81 -13.32
N SER A 225 -28.36 24.89 -12.40
CA SER A 225 -28.17 25.69 -11.20
C SER A 225 -27.16 25.03 -10.27
N ARG A 226 -27.41 23.77 -9.90
CA ARG A 226 -26.53 23.06 -8.99
C ARG A 226 -25.14 22.78 -9.57
N PHE A 227 -24.83 23.22 -10.79
CA PHE A 227 -23.46 23.08 -11.29
C PHE A 227 -22.64 24.36 -11.21
N LEU A 228 -23.28 25.53 -11.26
CA LEU A 228 -22.52 26.77 -11.13
C LEU A 228 -22.01 26.98 -9.71
N LEU A 229 -22.69 26.42 -8.72
CA LEU A 229 -22.20 26.56 -7.35
C LEU A 229 -21.04 25.60 -7.09
N ILE A 230 -20.99 24.49 -7.82
CA ILE A 230 -19.86 23.59 -7.72
C ILE A 230 -18.66 24.20 -8.45
N ALA A 231 -18.92 24.87 -9.57
CA ALA A 231 -17.84 25.56 -10.26
C ALA A 231 -17.28 26.70 -9.40
N LEU A 232 -18.14 27.41 -8.67
CA LEU A 232 -17.64 28.49 -7.82
C LEU A 232 -16.86 27.97 -6.62
N GLY A 233 -17.30 26.85 -6.03
CA GLY A 233 -16.54 26.28 -4.93
C GLY A 233 -15.19 25.75 -5.38
N ALA A 234 -15.14 25.16 -6.58
CA ALA A 234 -13.86 24.66 -7.06
C ALA A 234 -12.93 25.79 -7.49
N GLY A 235 -13.49 26.88 -8.00
CA GLY A 235 -12.65 28.03 -8.34
C GLY A 235 -12.03 28.68 -7.12
N VAL A 236 -12.82 28.83 -6.05
CA VAL A 236 -12.26 29.40 -4.83
C VAL A 236 -11.21 28.46 -4.24
N SER A 237 -11.47 27.15 -4.27
CA SER A 237 -10.49 26.21 -3.74
C SER A 237 -9.17 26.29 -4.52
N LEU A 238 -9.26 26.34 -5.86
CA LEU A 238 -8.05 26.33 -6.66
C LEU A 238 -7.28 27.64 -6.51
N GLY A 239 -7.97 28.77 -6.40
CA GLY A 239 -7.27 30.03 -6.22
C GLY A 239 -6.54 30.10 -4.89
N VAL A 240 -7.22 29.66 -3.81
CA VAL A 240 -6.58 29.74 -2.50
C VAL A 240 -5.43 28.74 -2.41
N ASN A 241 -5.56 27.58 -3.06
CA ASN A 241 -4.48 26.60 -2.98
C ASN A 241 -3.27 27.03 -3.81
N MET A 242 -3.51 27.62 -4.98
CA MET A 242 -2.42 27.94 -5.88
C MET A 242 -1.70 29.25 -5.56
N PHE A 243 -2.35 30.20 -4.87
CA PHE A 243 -1.71 31.50 -4.69
C PHE A 243 -1.30 31.82 -3.26
N ILE A 244 -1.36 30.87 -2.33
CA ILE A 244 -0.93 31.09 -0.95
C ILE A 244 -0.03 29.92 -0.54
N TYR A 245 1.28 30.07 -0.76
CA TYR A 245 2.26 29.06 -0.38
C TYR A 245 1.96 27.70 -0.99
N PRO A 246 2.03 27.56 -2.31
CA PRO A 246 1.74 26.27 -2.93
C PRO A 246 2.75 25.20 -2.55
N ILE A 247 2.28 23.96 -2.53
CA ILE A 247 3.11 22.78 -2.30
C ILE A 247 3.10 21.96 -3.58
N TRP A 248 4.28 21.75 -4.16
CA TRP A 248 4.41 21.09 -5.44
C TRP A 248 4.80 19.62 -5.25
N ALA A 249 4.41 18.80 -6.23
CA ALA A 249 4.64 17.37 -6.17
C ALA A 249 5.97 16.93 -6.79
N GLY A 250 6.68 17.82 -7.45
CA GLY A 250 7.99 17.44 -7.95
C GLY A 250 9.11 17.73 -6.99
N GLU A 251 8.83 18.57 -5.98
CA GLU A 251 9.80 18.90 -4.96
C GLU A 251 9.76 17.93 -3.81
N ASP A 252 8.77 17.03 -3.79
CA ASP A 252 8.78 15.94 -2.83
C ASP A 252 9.43 14.70 -3.41
N LEU A 253 9.49 14.60 -4.73
CA LEU A 253 10.17 13.49 -5.39
C LEU A 253 11.65 13.79 -5.53
N HIS A 254 11.99 15.05 -5.82
CA HIS A 254 13.39 15.44 -5.85
C HIS A 254 14.01 15.27 -4.46
N ASN A 255 13.23 15.53 -3.41
CA ASN A 255 13.71 15.36 -2.04
C ASN A 255 13.73 13.89 -1.62
N LEU A 256 12.75 13.10 -2.06
CA LEU A 256 12.71 11.69 -1.71
C LEU A 256 13.92 10.94 -2.27
N VAL A 257 14.33 11.25 -3.50
CA VAL A 257 15.50 10.58 -4.06
C VAL A 257 16.73 10.86 -3.21
N VAL A 258 16.90 12.12 -2.78
CA VAL A 258 18.06 12.49 -2.00
C VAL A 258 18.02 11.85 -0.61
N LYS A 259 16.82 11.67 -0.06
CA LYS A 259 16.73 11.01 1.25
C LYS A 259 17.06 9.53 1.15
N ASN A 260 16.63 8.87 0.07
CA ASN A 260 16.94 7.46 -0.09
C ASN A 260 18.44 7.25 -0.28
N PHE A 261 19.11 8.17 -0.99
CA PHE A 261 20.54 8.03 -1.20
C PHE A 261 21.32 8.06 0.12
N MET A 262 20.78 8.73 1.14
CA MET A 262 21.46 8.78 2.43
C MET A 262 21.04 7.63 3.34
N ASN A 263 19.80 7.18 3.22
CA ASN A 263 19.36 6.04 4.03
C ASN A 263 20.12 4.77 3.64
N VAL A 264 20.37 4.57 2.35
CA VAL A 264 21.08 3.36 1.95
C VAL A 264 22.52 3.37 2.50
N ALA A 265 23.17 4.53 2.50
CA ALA A 265 24.53 4.62 3.03
C ALA A 265 24.55 4.37 4.53
N THR A 266 23.58 4.94 5.26
CA THR A 266 23.53 4.70 6.69
C THR A 266 23.31 3.22 6.99
N SER A 267 22.41 2.58 6.25
CA SER A 267 22.15 1.16 6.47
C SER A 267 23.39 0.32 6.19
N LEU A 268 24.11 0.62 5.10
CA LEU A 268 25.31 -0.15 4.79
C LEU A 268 26.34 -0.02 5.90
N GLU A 269 26.57 1.20 6.37
CA GLU A 269 27.55 1.40 7.44
C GLU A 269 27.13 0.69 8.72
N GLY A 270 25.84 0.76 9.06
CA GLY A 270 25.36 0.10 10.26
C GLY A 270 25.48 -1.41 10.18
N CYS A 271 25.25 -1.98 9.00
CA CYS A 271 25.36 -3.44 8.87
C CYS A 271 26.81 -3.88 8.98
N VAL A 272 27.72 -3.14 8.33
CA VAL A 272 29.11 -3.56 8.36
C VAL A 272 29.68 -3.40 9.77
N ASN A 273 29.23 -2.38 10.52
CA ASN A 273 29.68 -2.24 11.90
C ASN A 273 29.06 -3.31 12.80
N GLY A 274 27.77 -3.61 12.60
CA GLY A 274 27.11 -4.60 13.42
C GLY A 274 27.70 -6.00 13.27
N TYR A 275 28.13 -6.35 12.07
CA TYR A 275 28.68 -7.70 11.88
C TYR A 275 29.95 -7.91 12.69
N LEU A 276 30.82 -6.90 12.76
CA LEU A 276 32.09 -7.04 13.45
C LEU A 276 32.01 -6.68 14.93
N ARG A 277 30.83 -6.32 15.43
CA ARG A 277 30.70 -5.99 16.85
C ARG A 277 31.12 -7.17 17.71
N CYS A 278 31.74 -6.86 18.85
CA CYS A 278 32.24 -7.90 19.76
C CYS A 278 31.15 -8.33 20.72
N VAL A 298 19.73 0.50 10.41
CA VAL A 298 20.20 -0.74 9.81
C VAL A 298 19.07 -1.45 9.10
N TYR A 299 17.84 -1.04 9.42
CA TYR A 299 16.62 -1.62 8.85
C TYR A 299 15.75 -0.58 8.17
N LYS A 300 15.52 0.55 8.84
CA LYS A 300 14.61 1.56 8.30
C LYS A 300 15.12 2.10 6.96
N GLY A 301 16.43 2.31 6.84
CA GLY A 301 16.97 2.88 5.62
C GLY A 301 16.65 2.07 4.37
N TYR A 302 17.09 0.81 4.35
CA TYR A 302 16.82 -0.02 3.19
C TYR A 302 15.33 -0.35 3.06
N ARG A 303 14.61 -0.46 4.17
CA ARG A 303 13.17 -0.70 4.07
C ARG A 303 12.46 0.46 3.39
N SER A 304 12.88 1.70 3.69
CA SER A 304 12.28 2.86 3.04
C SER A 304 12.73 2.96 1.59
N ALA A 305 13.97 2.58 1.30
CA ALA A 305 14.48 2.68 -0.07
C ALA A 305 14.04 1.52 -0.95
N VAL A 306 13.40 0.49 -0.38
CA VAL A 306 12.95 -0.66 -1.15
C VAL A 306 11.43 -0.77 -1.20
N GLU A 307 10.71 0.12 -0.51
CA GLU A 307 9.26 0.02 -0.39
C GLU A 307 8.50 1.28 -0.81
N SER A 308 9.17 2.26 -1.41
CA SER A 308 8.53 3.52 -1.77
C SER A 308 8.36 3.69 -3.28
N THR A 309 8.43 2.60 -4.05
CA THR A 309 8.25 2.72 -5.50
C THR A 309 6.89 3.29 -5.85
N SER A 310 5.86 2.95 -5.07
CA SER A 310 4.53 3.45 -5.37
C SER A 310 4.42 4.93 -5.03
N GLN A 311 5.06 5.36 -3.94
CA GLN A 311 5.06 6.78 -3.63
C GLN A 311 5.74 7.57 -4.74
N GLU A 312 6.83 7.03 -5.28
CA GLU A 312 7.58 7.68 -6.35
C GLU A 312 6.91 7.57 -7.70
N GLU A 313 5.88 6.73 -7.84
CA GLU A 313 5.11 6.69 -9.08
C GLU A 313 3.85 7.54 -9.00
N SER A 314 3.25 7.65 -7.82
CA SER A 314 2.13 8.57 -7.65
C SER A 314 2.62 10.03 -7.69
N LEU A 315 3.75 10.32 -7.05
CA LEU A 315 4.29 11.67 -7.12
C LEU A 315 4.69 12.04 -8.54
N MET A 316 5.06 11.05 -9.36
CA MET A 316 5.34 11.31 -10.77
C MET A 316 4.07 11.40 -11.61
N SER A 317 2.97 10.80 -11.14
CA SER A 317 1.70 10.95 -11.83
C SER A 317 0.98 12.23 -11.44
N PHE A 318 1.44 12.92 -10.40
CA PHE A 318 0.89 14.22 -10.02
C PHE A 318 1.73 15.38 -10.50
N ALA A 319 3.02 15.16 -10.75
CA ALA A 319 3.93 16.23 -11.16
C ALA A 319 3.83 16.57 -12.64
N ILE A 320 3.14 15.76 -13.44
CA ILE A 320 3.01 16.03 -14.88
C ILE A 320 1.90 17.00 -15.19
N TRP A 321 1.10 17.39 -14.21
CA TRP A 321 0.00 18.32 -14.41
C TRP A 321 0.34 19.75 -14.02
N GLU A 322 1.48 19.97 -13.35
CA GLU A 322 1.91 21.24 -12.78
C GLU A 322 2.65 22.10 -13.80
N PRO A 323 2.41 23.41 -13.77
CA PRO A 323 3.09 24.32 -14.70
C PRO A 323 4.54 24.53 -14.32
N PRO A 324 5.37 24.99 -15.26
CA PRO A 324 6.78 25.25 -14.94
C PRO A 324 6.92 26.27 -13.82
N HIS A 325 7.99 26.12 -13.04
CA HIS A 325 8.22 27.02 -11.93
C HIS A 325 9.61 26.77 -11.34
N GLY A 326 10.16 27.82 -10.72
CA GLY A 326 11.41 27.74 -10.01
C GLY A 326 12.59 27.26 -10.84
N PRO A 327 13.29 26.24 -10.33
CA PRO A 327 14.45 25.69 -11.05
C PRO A 327 14.06 24.75 -12.19
N TYR A 328 12.90 24.11 -12.08
CA TYR A 328 12.46 23.15 -13.08
C TYR A 328 11.57 23.85 -14.11
N LYS A 329 12.23 24.63 -14.97
CA LYS A 329 11.56 25.43 -15.99
C LYS A 329 11.82 24.80 -17.35
N SER A 330 10.83 24.10 -17.88
CA SER A 330 10.87 23.50 -19.20
C SER A 330 9.53 22.87 -19.51
N PHE A 331 9.15 22.79 -20.79
CA PHE A 331 7.83 22.30 -21.14
C PHE A 331 7.64 20.85 -20.73
N ASN A 332 8.59 19.98 -21.06
CA ASN A 332 8.55 18.56 -20.69
C ASN A 332 9.73 18.25 -19.78
N TYR A 333 9.48 18.13 -18.49
CA TYR A 333 10.59 17.84 -17.58
C TYR A 333 10.84 16.33 -17.52
N PRO A 334 12.12 15.92 -17.56
CA PRO A 334 12.43 14.49 -17.49
C PRO A 334 12.20 13.92 -16.10
N TRP A 335 10.94 13.78 -15.70
CA TRP A 335 10.61 13.26 -14.38
C TRP A 335 10.84 11.75 -14.27
N LYS A 336 10.86 11.03 -15.39
CA LYS A 336 11.05 9.58 -15.36
C LYS A 336 12.49 9.17 -15.04
N ASN A 337 13.47 10.01 -15.36
CA ASN A 337 14.85 9.67 -15.05
C ASN A 337 15.11 9.62 -13.54
N TYR A 338 14.27 10.28 -12.74
CA TYR A 338 14.40 10.16 -11.29
C TYR A 338 13.96 8.78 -10.83
N VAL A 339 12.90 8.25 -11.46
CA VAL A 339 12.45 6.90 -11.15
C VAL A 339 13.47 5.87 -11.59
N LYS A 340 14.10 6.10 -12.76
CA LYS A 340 15.13 5.19 -13.23
C LYS A 340 16.32 5.15 -12.26
N LEU A 341 16.74 6.32 -11.76
CA LEU A 341 17.81 6.36 -10.79
C LEU A 341 17.41 5.66 -9.48
N SER A 342 16.16 5.86 -9.05
CA SER A 342 15.69 5.20 -7.83
C SER A 342 15.69 3.68 -7.99
N GLY A 343 15.32 3.18 -9.17
CA GLY A 343 15.37 1.74 -9.39
C GLY A 343 16.78 1.21 -9.38
N ALA A 344 17.71 1.98 -9.97
CA ALA A 344 19.10 1.54 -9.96
C ALA A 344 19.64 1.46 -8.53
N LEU A 345 19.21 2.38 -7.66
CA LEU A 345 19.64 2.31 -6.27
C LEU A 345 18.95 1.20 -5.48
N LYS A 346 17.69 0.88 -5.82
CA LYS A 346 17.00 -0.19 -5.12
C LYS A 346 17.61 -1.56 -5.44
N HIS A 347 18.18 -1.69 -6.65
CA HIS A 347 18.85 -2.94 -6.98
C HIS A 347 20.02 -3.23 -6.04
N CYS A 348 20.79 -2.19 -5.67
CA CYS A 348 21.81 -2.32 -4.63
C CYS A 348 21.19 -2.55 -3.25
N ALA A 349 20.09 -1.88 -2.97
CA ALA A 349 19.49 -2.04 -1.64
C ALA A 349 19.04 -3.47 -1.38
N PHE A 350 18.75 -4.24 -2.43
CA PHE A 350 18.49 -5.67 -2.22
C PHE A 350 19.71 -6.38 -1.63
N THR A 351 20.90 -6.15 -2.19
CA THR A 351 22.11 -6.71 -1.62
C THR A 351 22.30 -6.28 -0.16
N VAL A 352 21.96 -5.03 0.13
CA VAL A 352 22.11 -4.56 1.51
C VAL A 352 21.16 -5.30 2.44
N MET A 353 19.92 -5.53 1.99
CA MET A 353 19.00 -6.36 2.75
C MET A 353 19.54 -7.76 2.99
N ALA A 354 20.21 -8.34 1.98
CA ALA A 354 20.78 -9.67 2.19
C ALA A 354 21.94 -9.64 3.19
N LEU A 355 22.69 -8.54 3.23
CA LEU A 355 23.76 -8.44 4.22
C LEU A 355 23.20 -8.27 5.63
N HIS A 356 22.03 -7.61 5.75
CA HIS A 356 21.37 -7.57 7.05
C HIS A 356 20.81 -8.94 7.44
N GLY A 357 20.26 -9.66 6.47
CA GLY A 357 19.81 -11.02 6.74
C GLY A 357 20.91 -11.93 7.24
N CYS A 358 22.14 -11.74 6.74
CA CYS A 358 23.24 -12.57 7.22
C CYS A 358 23.48 -12.43 8.73
N ILE A 359 23.19 -11.26 9.31
CA ILE A 359 23.38 -11.08 10.74
C ILE A 359 22.34 -11.85 11.56
N LEU A 360 21.14 -12.05 11.03
CA LEU A 360 20.07 -12.75 11.75
C LEU A 360 20.09 -14.26 11.54
N SER A 361 21.06 -14.79 10.81
CA SER A 361 21.06 -16.21 10.49
C SER A 361 21.31 -17.05 11.74
N GLU A 362 20.62 -18.19 11.82
CA GLU A 362 20.81 -19.10 12.95
C GLU A 362 22.25 -19.59 13.04
N ILE A 363 22.89 -19.82 11.90
CA ILE A 363 24.25 -20.37 11.84
C ILE A 363 25.23 -19.22 11.63
N GLN A 364 26.13 -19.02 12.58
CA GLN A 364 27.11 -17.96 12.54
C GLN A 364 28.50 -18.50 12.84
N ALA A 365 29.54 -17.75 12.40
CA ALA A 365 30.96 -18.05 12.46
C ALA A 365 31.58 -17.51 13.74
N PRO A 366 32.62 -18.17 14.25
CA PRO A 366 33.32 -17.66 15.43
C PRO A 366 33.89 -16.27 15.20
N GLU A 367 33.70 -15.40 16.20
CA GLU A 367 34.14 -14.02 16.09
C GLU A 367 35.65 -13.91 15.91
N GLU A 368 36.42 -14.74 16.63
CA GLU A 368 37.87 -14.72 16.49
C GLU A 368 38.31 -14.90 15.05
N ARG A 369 37.56 -15.66 14.26
CA ARG A 369 37.89 -15.80 12.85
C ARG A 369 37.48 -14.57 12.04
N ARG A 370 36.37 -13.92 12.39
CA ARG A 370 35.98 -12.70 11.70
C ARG A 370 37.01 -11.60 11.90
N GLN A 371 37.54 -11.46 13.12
CA GLN A 371 38.48 -10.39 13.44
C GLN A 371 39.69 -10.36 12.52
N VAL A 372 40.01 -11.46 11.85
CA VAL A 372 41.14 -11.46 10.93
C VAL A 372 40.92 -10.57 9.71
N PHE A 373 39.65 -10.37 9.31
CA PHE A 373 39.35 -9.61 8.10
C PHE A 373 38.71 -8.26 8.36
N ARG A 374 38.67 -7.81 9.62
CA ARG A 374 37.94 -6.58 9.96
C ARG A 374 38.36 -5.38 9.12
N GLN A 375 39.66 -5.18 8.92
CA GLN A 375 40.15 -3.96 8.27
C GLN A 375 39.65 -3.82 6.84
N GLU A 376 39.69 -4.91 6.06
CA GLU A 376 39.27 -4.82 4.67
C GLU A 376 37.77 -4.55 4.56
N LEU A 377 36.98 -5.17 5.44
CA LEU A 377 35.55 -4.97 5.40
C LEU A 377 35.20 -3.53 5.80
N GLN A 378 35.95 -2.97 6.76
CA GLN A 378 35.63 -1.62 7.19
C GLN A 378 36.07 -0.59 6.15
N ARG A 379 37.17 -0.86 5.43
CA ARG A 379 37.56 0.04 4.35
C ARG A 379 36.53 0.01 3.22
N VAL A 380 36.05 -1.18 2.87
CA VAL A 380 35.02 -1.27 1.82
C VAL A 380 33.77 -0.52 2.25
N GLY A 381 33.35 -0.68 3.51
CA GLY A 381 32.16 0.00 3.98
C GLY A 381 32.30 1.51 3.95
N VAL A 382 33.42 2.02 4.48
CA VAL A 382 33.66 3.46 4.50
C VAL A 382 33.64 4.01 3.08
N GLU A 383 34.29 3.33 2.14
CA GLU A 383 34.36 3.87 0.78
C GLU A 383 32.99 3.85 0.10
N GLY A 384 32.21 2.78 0.31
CA GLY A 384 30.89 2.74 -0.27
C GLY A 384 29.97 3.82 0.27
N ALA A 385 30.04 4.06 1.59
CA ALA A 385 29.19 5.09 2.18
C ALA A 385 29.58 6.47 1.70
N LYS A 386 30.88 6.73 1.58
CA LYS A 386 31.32 8.03 1.08
C LYS A 386 30.88 8.25 -0.35
N LEU A 387 30.97 7.21 -1.19
CA LEU A 387 30.54 7.35 -2.57
C LEU A 387 29.03 7.62 -2.67
N LEU A 388 28.22 6.87 -1.91
CA LEU A 388 26.78 7.12 -1.94
C LEU A 388 26.43 8.51 -1.44
N ARG A 389 27.18 9.03 -0.46
CA ARG A 389 26.86 10.37 0.03
C ARG A 389 27.31 11.45 -0.94
N GLU A 390 28.36 11.19 -1.71
CA GLU A 390 28.77 12.16 -2.71
C GLU A 390 27.79 12.20 -3.87
N LEU A 391 27.28 11.05 -4.28
CA LEU A 391 26.23 11.03 -5.30
C LEU A 391 24.97 11.75 -4.81
N GLY A 392 24.57 11.51 -3.56
CA GLY A 392 23.43 12.23 -3.01
C GLY A 392 23.63 13.73 -3.01
N GLU A 393 24.80 14.18 -2.57
CA GLU A 393 25.06 15.62 -2.50
C GLU A 393 25.07 16.24 -3.89
N LYS A 394 25.62 15.53 -4.89
CA LYS A 394 25.60 16.06 -6.25
C LYS A 394 24.18 16.13 -6.81
N VAL A 395 23.37 15.09 -6.55
CA VAL A 395 21.98 15.13 -7.03
C VAL A 395 21.23 16.31 -6.41
N LYS A 396 21.43 16.56 -5.12
CA LYS A 396 20.68 17.63 -4.47
C LYS A 396 21.01 19.00 -5.05
N LYS A 397 22.29 19.28 -5.31
CA LYS A 397 22.69 20.59 -5.81
C LYS A 397 22.64 20.72 -7.32
N MET A 398 22.20 19.68 -8.04
CA MET A 398 22.11 19.71 -9.50
C MET A 398 23.41 20.13 -10.19
N GLU A 399 24.45 19.32 -10.01
CA GLU A 399 25.74 19.57 -10.65
C GLU A 399 26.24 18.32 -11.34
N LYS A 400 26.87 18.51 -12.51
CA LYS A 400 27.44 17.42 -13.27
C LYS A 400 28.60 16.76 -12.51
N LEU A 401 28.90 15.53 -12.89
CA LEU A 401 30.03 14.81 -12.33
C LEU A 401 31.34 15.36 -12.90
N GLY A 402 32.33 15.54 -12.01
CA GLY A 402 33.62 16.00 -12.43
C GLY A 402 34.41 14.94 -13.17
N PRO A 403 35.66 15.27 -13.51
CA PRO A 403 36.48 14.33 -14.29
C PRO A 403 36.97 13.13 -13.50
N VAL A 404 37.39 13.32 -12.26
CA VAL A 404 37.95 12.24 -11.47
C VAL A 404 36.96 11.09 -11.33
N ASP A 405 37.46 9.87 -11.51
CA ASP A 405 36.64 8.66 -11.39
C ASP A 405 36.35 8.36 -9.93
N LEU A 406 35.06 8.34 -9.58
CA LEU A 406 34.63 8.14 -8.19
C LEU A 406 34.84 6.71 -7.70
N LEU A 407 35.02 5.73 -8.59
CA LEU A 407 35.04 4.33 -8.23
C LEU A 407 36.43 3.76 -8.01
N PHE A 408 37.49 4.54 -8.23
CA PHE A 408 38.85 4.02 -8.08
C PHE A 408 39.10 3.45 -6.68
N GLU A 409 38.80 4.23 -5.64
CA GLU A 409 39.09 3.81 -4.27
C GLU A 409 38.32 2.55 -3.89
N VAL A 410 37.04 2.47 -4.26
CA VAL A 410 36.23 1.31 -3.87
C VAL A 410 36.73 0.05 -4.57
N HIS A 411 36.99 0.14 -5.87
CA HIS A 411 37.58 -0.99 -6.60
C HIS A 411 38.89 -1.44 -5.98
N LEU A 412 39.72 -0.49 -5.52
CA LEU A 412 40.99 -0.88 -4.94
C LEU A 412 40.81 -1.57 -3.59
N ALA A 413 39.90 -1.05 -2.75
CA ALA A 413 39.63 -1.72 -1.49
C ALA A 413 39.03 -3.10 -1.72
N ALA A 414 38.32 -3.29 -2.83
CA ALA A 414 37.71 -4.60 -3.08
C ALA A 414 38.75 -5.60 -3.57
N GLU A 415 39.69 -5.15 -4.39
CA GLU A 415 40.80 -6.02 -4.77
C GLU A 415 41.64 -6.40 -3.58
N GLU A 416 41.82 -5.46 -2.63
CA GLU A 416 42.57 -5.81 -1.42
C GLU A 416 41.82 -6.82 -0.57
N LEU A 417 40.50 -6.66 -0.43
CA LEU A 417 39.69 -7.68 0.21
C LEU A 417 39.88 -9.06 -0.44
N GLN A 418 39.74 -9.11 -1.77
CA GLN A 418 39.93 -10.36 -2.50
C GLN A 418 41.29 -10.99 -2.17
N HIS A 419 42.36 -10.21 -2.19
CA HIS A 419 43.68 -10.74 -1.89
C HIS A 419 43.76 -11.28 -0.46
N LYS A 420 43.19 -10.55 0.50
CA LYS A 420 43.20 -11.02 1.88
C LYS A 420 42.43 -12.33 2.02
N ILE A 421 41.30 -12.45 1.33
CA ILE A 421 40.55 -13.71 1.37
C ILE A 421 41.36 -14.83 0.76
N ASP A 422 42.10 -14.53 -0.31
CA ASP A 422 42.89 -15.56 -0.98
C ASP A 422 44.00 -16.07 -0.08
N LYS A 423 44.65 -15.18 0.68
CA LYS A 423 45.76 -15.62 1.53
C LYS A 423 45.30 -16.49 2.70
N LYS A 424 44.05 -16.35 3.16
CA LYS A 424 43.60 -17.01 4.38
C LYS A 424 42.45 -17.99 4.12
N SER A 425 42.28 -18.44 2.88
CA SER A 425 41.19 -19.36 2.57
C SER A 425 41.25 -20.68 3.34
N TYR A 426 42.36 -20.96 4.03
CA TYR A 426 42.45 -22.18 4.83
C TYR A 426 41.59 -22.15 6.08
N LEU A 427 40.96 -21.01 6.40
CA LEU A 427 40.04 -20.93 7.52
C LEU A 427 38.59 -21.12 7.11
N LEU A 428 38.30 -21.16 5.81
CA LEU A 428 36.93 -21.30 5.34
C LEU A 428 36.50 -22.75 5.18
N VAL A 429 37.43 -23.64 4.86
CA VAL A 429 37.11 -25.05 4.63
C VAL A 429 38.01 -25.91 5.50
N ASN A 430 37.96 -27.22 5.30
CA ASN A 430 38.77 -28.17 6.07
C ASN A 430 39.34 -29.18 5.09
N SER A 431 40.65 -29.06 4.82
CA SER A 431 41.29 -29.92 3.83
C SER A 431 41.47 -31.35 4.31
N GLU A 432 41.35 -31.58 5.62
CA GLU A 432 41.54 -32.93 6.15
C GLU A 432 40.59 -33.93 5.49
N CYS A 433 39.36 -33.50 5.21
CA CYS A 433 38.34 -34.37 4.63
C CYS A 433 38.33 -34.34 3.11
N TRP A 434 39.41 -33.88 2.48
CA TRP A 434 39.43 -33.76 1.03
C TRP A 434 39.47 -35.14 0.39
N GLU A 435 38.96 -35.22 -0.84
CA GLU A 435 38.95 -36.47 -1.60
C GLU A 435 38.94 -36.21 -3.09
N LYS A 527 31.66 -32.65 12.72
CA LYS A 527 30.27 -32.20 12.71
C LYS A 527 30.00 -31.28 11.54
N THR A 528 28.72 -31.14 11.18
CA THR A 528 28.32 -30.28 10.07
C THR A 528 28.01 -28.86 10.50
N TYR A 529 27.64 -28.65 11.77
CA TYR A 529 27.34 -27.30 12.23
C TYR A 529 28.57 -26.42 12.24
N GLU A 530 29.72 -26.98 12.62
CA GLU A 530 30.96 -26.20 12.61
C GLU A 530 31.41 -25.91 11.18
N SER A 531 31.21 -26.86 10.27
CA SER A 531 31.52 -26.61 8.87
C SER A 531 30.65 -25.51 8.29
N ALA A 532 29.36 -25.50 8.62
CA ALA A 532 28.48 -24.45 8.12
C ALA A 532 28.82 -23.10 8.74
N SER A 533 29.11 -23.08 10.04
CA SER A 533 29.52 -21.84 10.68
C SER A 533 30.78 -21.28 10.04
N ALA A 534 31.75 -22.14 9.72
CA ALA A 534 32.95 -21.68 9.03
C ALA A 534 32.64 -21.15 7.64
N LEU A 535 31.84 -21.89 6.86
CA LEU A 535 31.50 -21.46 5.51
C LEU A 535 30.54 -20.27 5.47
N SER A 536 30.02 -19.81 6.61
CA SER A 536 29.11 -18.68 6.59
C SER A 536 29.80 -17.32 6.42
N LEU A 537 31.11 -17.22 6.65
CA LEU A 537 31.81 -15.95 6.48
C LEU A 537 32.02 -15.61 5.01
N ALA A 538 32.26 -16.62 4.18
CA ALA A 538 32.44 -16.39 2.76
C ALA A 538 31.19 -15.82 2.12
N THR A 539 30.01 -16.21 2.60
CA THR A 539 28.78 -15.62 2.10
C THR A 539 28.77 -14.11 2.30
N PHE A 540 29.11 -13.66 3.51
CA PHE A 540 29.14 -12.23 3.81
C PHE A 540 30.16 -11.50 2.93
N ALA A 541 31.35 -12.10 2.76
CA ALA A 541 32.36 -11.46 1.92
C ALA A 541 31.91 -11.38 0.45
N SER A 542 31.35 -12.47 -0.08
CA SER A 542 30.86 -12.47 -1.45
C SER A 542 29.73 -11.47 -1.64
N LEU A 543 28.90 -11.26 -0.62
CA LEU A 543 27.81 -10.31 -0.74
C LEU A 543 28.34 -8.88 -0.80
N LEU A 544 29.25 -8.53 0.10
CA LEU A 544 29.92 -7.23 0.00
C LEU A 544 30.54 -7.02 -1.39
N ILE A 545 31.20 -8.06 -1.92
CA ILE A 545 31.83 -7.94 -3.23
C ILE A 545 30.78 -7.69 -4.31
N GLU A 546 29.67 -8.42 -4.26
CA GLU A 546 28.59 -8.20 -5.23
C GLU A 546 28.02 -6.79 -5.15
N PHE A 547 27.80 -6.28 -3.94
CA PHE A 547 27.38 -4.89 -3.79
C PHE A 547 28.30 -3.95 -4.53
N VAL A 548 29.62 -4.12 -4.34
CA VAL A 548 30.57 -3.25 -5.04
C VAL A 548 30.44 -3.43 -6.55
N ALA A 549 30.37 -4.68 -7.01
CA ALA A 549 30.24 -4.95 -8.44
C ALA A 549 28.98 -4.32 -9.03
N ARG A 550 27.95 -4.08 -8.22
CA ARG A 550 26.72 -3.48 -8.72
C ARG A 550 26.72 -1.96 -8.69
N LEU A 551 27.52 -1.36 -7.80
CA LEU A 551 27.56 0.10 -7.68
C LEU A 551 27.63 0.87 -9.02
N GLN A 552 28.13 0.26 -10.10
CA GLN A 552 28.36 0.99 -11.35
C GLN A 552 27.08 1.44 -12.04
N ASN A 553 26.02 0.62 -11.97
CA ASN A 553 24.78 0.96 -12.66
C ASN A 553 24.18 2.26 -12.14
N VAL A 554 24.36 2.56 -10.86
CA VAL A 554 23.84 3.80 -10.31
C VAL A 554 24.55 5.00 -10.92
N VAL A 555 25.86 4.89 -11.12
CA VAL A 555 26.60 5.98 -11.74
C VAL A 555 26.17 6.17 -13.19
N ASP A 556 25.94 5.06 -13.90
CA ASP A 556 25.49 5.19 -15.29
C ASP A 556 24.12 5.89 -15.35
N ALA A 557 23.20 5.49 -14.47
CA ALA A 557 21.89 6.13 -14.45
C ALA A 557 22.00 7.61 -14.10
N PHE A 558 22.87 7.95 -13.14
CA PHE A 558 23.04 9.35 -12.78
C PHE A 558 23.56 10.16 -13.96
N LYS A 559 24.52 9.60 -14.71
CA LYS A 559 25.04 10.33 -15.86
C LYS A 559 23.93 10.55 -16.89
N GLU A 560 23.10 9.53 -17.13
CA GLU A 560 22.00 9.71 -18.07
C GLU A 560 21.04 10.81 -17.60
N LEU A 561 20.71 10.82 -16.30
CA LEU A 561 19.81 11.84 -15.79
C LEU A 561 20.42 13.23 -15.90
N SER A 562 21.70 13.37 -15.55
CA SER A 562 22.35 14.67 -15.63
C SER A 562 22.51 15.14 -17.08
N GLN A 563 22.44 14.23 -18.04
CA GLN A 563 22.51 14.66 -19.43
C GLN A 563 21.13 15.01 -19.99
N LYS A 564 20.10 14.25 -19.64
CA LYS A 564 18.75 14.58 -20.12
C LYS A 564 18.30 15.96 -19.63
N ALA A 565 18.57 16.27 -18.36
CA ALA A 565 18.28 17.57 -17.79
C ALA A 565 19.55 18.40 -17.75
N ASN A 566 19.44 19.68 -18.08
CA ASN A 566 20.61 20.54 -18.14
C ASN A 566 21.12 20.85 -16.74
N PHE A 567 22.06 20.05 -16.25
CA PHE A 567 22.67 20.25 -14.95
C PHE A 567 23.83 21.23 -15.06
N LYS A 568 24.03 22.01 -14.01
CA LYS A 568 25.08 23.01 -14.00
C LYS A 568 26.46 22.36 -14.06
N GLU A 569 27.38 23.05 -14.73
CA GLU A 569 28.76 22.58 -14.78
C GLU A 569 29.36 22.61 -13.38
N PRO A 570 30.12 21.59 -12.98
CA PRO A 570 30.76 21.63 -11.67
C PRO A 570 31.75 22.77 -11.56
N GLU A 571 31.80 23.38 -10.39
CA GLU A 571 32.69 24.52 -10.15
C GLU A 571 34.14 24.08 -10.07
N ALA B 77 -13.48 -8.08 -18.54
CA ALA B 77 -14.92 -7.92 -18.42
C ALA B 77 -15.61 -9.28 -18.27
N TRP B 78 -16.29 -9.70 -19.33
CA TRP B 78 -16.99 -10.99 -19.31
C TRP B 78 -16.03 -12.11 -18.94
N GLU B 79 -14.82 -12.08 -19.47
CA GLU B 79 -13.83 -13.09 -19.10
C GLU B 79 -13.55 -13.08 -17.61
N MET B 80 -13.53 -11.89 -16.99
CA MET B 80 -13.31 -11.83 -15.55
C MET B 80 -14.52 -12.32 -14.77
N GLY B 81 -15.72 -12.08 -15.29
CA GLY B 81 -16.91 -12.60 -14.63
C GLY B 81 -16.99 -14.10 -14.69
N VAL B 82 -16.63 -14.69 -15.84
CA VAL B 82 -16.61 -16.13 -15.97
C VAL B 82 -15.50 -16.74 -15.12
N SER B 83 -14.36 -16.05 -15.03
CA SER B 83 -13.26 -16.54 -14.20
C SER B 83 -13.65 -16.55 -12.73
N ASP B 84 -14.21 -15.46 -12.24
CA ASP B 84 -14.64 -15.35 -10.84
C ASP B 84 -16.11 -14.99 -10.77
N PRO B 85 -16.99 -15.89 -10.33
CA PRO B 85 -18.42 -15.57 -10.25
C PRO B 85 -18.82 -14.86 -8.97
N ARG B 86 -17.88 -14.64 -8.04
CA ARG B 86 -18.18 -13.92 -6.81
C ARG B 86 -18.38 -12.43 -7.04
N LYS B 87 -17.98 -11.91 -8.20
CA LYS B 87 -18.08 -10.50 -8.52
C LYS B 87 -19.34 -10.16 -9.32
N ILE B 88 -20.14 -11.17 -9.69
CA ILE B 88 -21.39 -10.94 -10.41
C ILE B 88 -22.59 -10.98 -9.48
N VAL B 89 -22.43 -11.48 -8.26
CA VAL B 89 -23.52 -11.51 -7.29
C VAL B 89 -23.54 -10.24 -6.44
N PHE B 90 -22.35 -9.69 -6.14
CA PHE B 90 -22.29 -8.44 -5.38
C PHE B 90 -22.94 -7.29 -6.14
N SER B 91 -22.69 -7.20 -7.45
CA SER B 91 -23.27 -6.14 -8.26
C SER B 91 -24.79 -6.28 -8.34
N ALA B 92 -25.30 -7.51 -8.42
CA ALA B 92 -26.74 -7.70 -8.48
C ALA B 92 -27.38 -7.46 -7.12
N LYS B 93 -26.65 -7.71 -6.03
CA LYS B 93 -27.17 -7.39 -4.70
C LYS B 93 -27.28 -5.88 -4.51
N ILE B 94 -26.29 -5.13 -4.98
CA ILE B 94 -26.39 -3.67 -4.92
C ILE B 94 -27.54 -3.18 -5.79
N GLY B 95 -27.69 -3.74 -6.99
CA GLY B 95 -28.82 -3.34 -7.82
C GLY B 95 -30.16 -3.65 -7.18
N LEU B 96 -30.26 -4.78 -6.48
CA LEU B 96 -31.52 -5.14 -5.82
C LEU B 96 -31.83 -4.20 -4.66
N ALA B 97 -30.83 -3.85 -3.85
CA ALA B 97 -31.07 -2.90 -2.76
C ALA B 97 -31.50 -1.55 -3.30
N LEU B 98 -30.83 -1.09 -4.37
CA LEU B 98 -31.17 0.21 -4.95
C LEU B 98 -32.59 0.19 -5.50
N THR B 99 -32.96 -0.89 -6.20
CA THR B 99 -34.31 -1.00 -6.75
C THR B 99 -35.35 -1.04 -5.65
N ILE B 100 -35.05 -1.67 -4.51
CA ILE B 100 -36.02 -1.70 -3.41
C ILE B 100 -36.24 -0.29 -2.88
N VAL B 101 -35.16 0.42 -2.59
CA VAL B 101 -35.34 1.75 -2.02
C VAL B 101 -36.06 2.65 -3.03
N ALA B 102 -35.78 2.47 -4.32
CA ALA B 102 -36.43 3.31 -5.33
C ALA B 102 -37.92 3.01 -5.39
N LEU B 103 -38.30 1.74 -5.28
CA LEU B 103 -39.72 1.40 -5.32
C LEU B 103 -40.43 2.00 -4.12
N LEU B 104 -39.78 2.00 -2.95
CA LEU B 104 -40.41 2.59 -1.79
C LEU B 104 -40.47 4.11 -1.87
N ILE B 105 -39.57 4.72 -2.63
CA ILE B 105 -39.62 6.18 -2.79
C ILE B 105 -40.72 6.58 -3.76
N PHE B 106 -40.88 5.83 -4.87
CA PHE B 106 -41.93 6.16 -5.83
C PHE B 106 -43.33 5.80 -5.32
N TYR B 107 -43.47 4.66 -4.64
CA TYR B 107 -44.80 4.18 -4.24
C TYR B 107 -45.06 4.41 -2.75
N GLN B 108 -45.08 5.69 -2.36
CA GLN B 108 -45.38 6.06 -0.99
C GLN B 108 -46.40 7.19 -0.98
N GLU B 109 -47.06 7.36 0.17
CA GLU B 109 -48.06 8.41 0.30
C GLU B 109 -47.40 9.79 0.26
N PRO B 110 -47.89 10.71 -0.58
CA PRO B 110 -47.24 12.02 -0.67
C PRO B 110 -47.40 12.81 0.62
N ASN B 111 -46.36 13.58 0.96
CA ASN B 111 -46.37 14.43 2.13
C ASN B 111 -45.38 15.55 1.85
N PRO B 112 -45.58 16.75 2.40
CA PRO B 112 -44.67 17.87 2.06
C PRO B 112 -43.22 17.63 2.42
N ASP B 113 -42.91 17.28 3.67
CA ASP B 113 -41.49 17.23 4.05
C ASP B 113 -40.76 16.09 3.35
N LEU B 114 -41.35 14.90 3.28
CA LEU B 114 -40.63 13.80 2.63
C LEU B 114 -40.24 14.14 1.20
N SER B 115 -41.17 14.73 0.44
CA SER B 115 -40.95 14.97 -0.99
C SER B 115 -39.58 15.57 -1.27
N ARG B 116 -39.12 16.50 -0.43
CA ARG B 116 -37.86 17.17 -0.69
C ARG B 116 -36.67 16.52 0.00
N TYR B 117 -36.90 15.67 0.99
CA TYR B 117 -35.82 15.02 1.73
C TYR B 117 -35.84 13.50 1.58
N SER B 118 -36.44 12.98 0.51
CA SER B 118 -36.58 11.53 0.36
C SER B 118 -35.46 10.91 -0.43
N VAL B 119 -34.63 11.72 -1.10
CA VAL B 119 -33.48 11.19 -1.84
C VAL B 119 -32.32 10.84 -0.93
N TRP B 120 -32.43 11.16 0.37
CA TRP B 120 -31.39 10.88 1.34
C TRP B 120 -31.27 9.40 1.68
N ALA B 121 -32.21 8.57 1.24
CA ALA B 121 -32.18 7.14 1.52
C ALA B 121 -31.57 6.30 0.42
N ILE B 122 -31.66 6.74 -0.84
CA ILE B 122 -31.03 6.02 -1.94
C ILE B 122 -29.55 6.34 -2.07
N LEU B 123 -29.08 7.39 -1.40
CA LEU B 123 -27.67 7.78 -1.45
C LEU B 123 -26.85 7.16 -0.34
N THR B 124 -27.49 6.64 0.70
CA THR B 124 -26.79 5.93 1.76
C THR B 124 -26.41 4.52 1.35
N VAL B 125 -27.22 3.89 0.49
CA VAL B 125 -26.91 2.56 -0.01
C VAL B 125 -25.62 2.59 -0.81
N VAL B 126 -25.41 3.65 -1.59
CA VAL B 126 -24.22 3.78 -2.41
C VAL B 126 -22.97 4.08 -1.58
N VAL B 127 -23.13 4.42 -0.31
CA VAL B 127 -22.00 4.81 0.53
C VAL B 127 -21.72 3.82 1.66
N VAL B 128 -22.61 2.86 1.92
CA VAL B 128 -22.42 1.95 3.03
C VAL B 128 -22.30 0.48 2.61
N PHE B 129 -22.46 0.17 1.33
CA PHE B 129 -22.41 -1.22 0.86
C PHE B 129 -20.95 -1.59 0.55
N GLU B 130 -20.40 -2.52 1.33
CA GLU B 130 -19.02 -2.97 1.17
C GLU B 130 -18.97 -4.45 0.81
N PHE B 131 -17.76 -4.90 0.45
CA PHE B 131 -17.55 -6.27 -0.02
C PHE B 131 -17.81 -7.30 1.06
N THR B 132 -17.38 -7.06 2.28
CA THR B 132 -17.55 -8.03 3.35
C THR B 132 -18.49 -7.51 4.42
N ILE B 133 -18.95 -8.39 5.29
CA ILE B 133 -19.80 -7.99 6.38
C ILE B 133 -19.04 -7.23 7.45
N GLY B 134 -17.85 -7.70 7.81
CA GLY B 134 -17.07 -7.08 8.86
C GLY B 134 -16.70 -5.63 8.64
N ALA B 135 -16.24 -5.27 7.46
CA ALA B 135 -15.96 -3.88 7.13
C ALA B 135 -17.24 -3.08 7.14
N THR B 136 -18.28 -3.60 6.51
CA THR B 136 -19.58 -2.94 6.53
C THR B 136 -19.98 -2.61 7.96
N LEU B 137 -19.74 -3.52 8.89
CA LEU B 137 -20.05 -3.27 10.29
C LEU B 137 -19.05 -2.34 10.95
N SER B 138 -17.77 -2.51 10.64
CA SER B 138 -16.73 -1.69 11.24
C SER B 138 -16.71 -0.24 10.76
N LYS B 139 -17.01 -0.01 9.49
CA LYS B 139 -16.96 1.35 8.95
C LYS B 139 -18.26 2.11 9.16
N GLY B 140 -19.40 1.43 9.10
CA GLY B 140 -20.66 2.08 9.38
C GLY B 140 -20.66 2.63 10.79
N PHE B 141 -19.97 1.95 11.69
CA PHE B 141 -19.86 2.40 13.07
C PHE B 141 -19.10 3.70 13.20
N ASN B 142 -17.95 3.79 12.54
CA ASN B 142 -17.15 4.98 12.58
C ASN B 142 -17.86 6.15 11.93
N ARG B 143 -18.56 5.89 10.83
CA ARG B 143 -19.30 6.95 10.15
C ARG B 143 -20.42 7.47 11.03
N ALA B 144 -21.11 6.58 11.73
CA ALA B 144 -22.18 7.00 12.62
C ALA B 144 -21.65 7.85 13.76
N LEU B 145 -20.48 7.49 14.26
CA LEU B 145 -19.85 8.27 15.33
C LEU B 145 -19.53 9.65 14.84
N GLY B 146 -18.91 9.75 13.68
CA GLY B 146 -18.60 11.03 13.10
C GLY B 146 -19.85 11.87 12.89
N THR B 147 -20.93 11.23 12.49
CA THR B 147 -22.15 11.98 12.22
C THR B 147 -22.78 12.48 13.51
N LEU B 148 -22.89 11.61 14.53
CA LEU B 148 -23.58 12.02 15.74
C LEU B 148 -22.77 13.04 16.53
N SER B 149 -21.44 12.89 16.57
CA SER B 149 -20.64 13.89 17.28
C SER B 149 -20.73 15.24 16.58
N ALA B 150 -20.62 15.26 15.25
CA ALA B 150 -20.71 16.52 14.52
C ALA B 150 -22.07 17.17 14.70
N GLY B 151 -23.14 16.38 14.66
CA GLY B 151 -24.47 16.96 14.83
C GLY B 151 -24.70 17.53 16.22
N GLY B 152 -24.24 16.84 17.26
CA GLY B 152 -24.39 17.37 18.60
C GLY B 152 -23.60 18.65 18.79
N LEU B 153 -22.37 18.68 18.27
CA LEU B 153 -21.55 19.88 18.41
C LEU B 153 -22.17 21.05 17.65
N ALA B 154 -22.64 20.82 16.43
CA ALA B 154 -23.27 21.88 15.66
C ALA B 154 -24.50 22.42 16.36
N LEU B 155 -25.33 21.54 16.91
CA LEU B 155 -26.53 22.01 17.60
C LEU B 155 -26.18 22.83 18.83
N GLY B 156 -25.17 22.38 19.60
CA GLY B 156 -24.77 23.15 20.76
C GLY B 156 -24.24 24.52 20.41
N MET B 157 -23.40 24.61 19.38
CA MET B 157 -22.88 25.92 18.98
C MET B 157 -23.99 26.81 18.41
N ALA B 158 -24.94 26.23 17.69
CA ALA B 158 -26.05 27.02 17.17
C ALA B 158 -26.89 27.59 18.31
N GLU B 159 -27.09 26.80 19.36
CA GLU B 159 -27.79 27.30 20.54
C GLU B 159 -27.01 28.44 21.18
N LEU B 160 -25.70 28.23 21.40
CA LEU B 160 -24.89 29.24 22.08
C LEU B 160 -24.79 30.54 21.27
N SER B 161 -24.90 30.46 19.95
CA SER B 161 -24.71 31.66 19.11
C SER B 161 -25.64 32.80 19.49
N THR B 162 -26.81 32.49 20.06
CA THR B 162 -27.80 33.52 20.32
C THR B 162 -27.27 34.61 21.25
N LEU B 163 -26.51 34.21 22.29
CA LEU B 163 -26.01 35.17 23.26
C LEU B 163 -25.44 36.42 22.60
N PHE B 164 -24.57 36.24 21.61
CA PHE B 164 -24.04 37.37 20.83
C PHE B 164 -25.10 37.82 19.83
N GLY B 165 -26.13 38.49 20.36
CA GLY B 165 -27.26 38.88 19.53
C GLY B 165 -26.85 39.77 18.37
N ASP B 166 -25.99 40.75 18.63
CA ASP B 166 -25.65 41.73 17.59
C ASP B 166 -24.92 41.07 16.43
N TRP B 167 -23.99 40.15 16.72
CA TRP B 167 -23.19 39.50 15.69
C TRP B 167 -23.40 37.99 15.76
N GLU B 168 -24.51 37.53 15.17
CA GLU B 168 -24.78 36.10 15.09
C GLU B 168 -23.99 35.47 13.95
N GLU B 169 -24.08 36.06 12.75
CA GLU B 169 -23.42 35.50 11.59
C GLU B 169 -21.91 35.58 11.72
N ILE B 170 -21.38 36.57 12.44
CA ILE B 170 -19.94 36.67 12.64
C ILE B 170 -19.45 35.49 13.46
N PHE B 171 -20.14 35.17 14.56
CA PHE B 171 -19.74 34.04 15.38
C PHE B 171 -19.92 32.72 14.63
N CYS B 172 -20.99 32.61 13.83
CA CYS B 172 -21.21 31.37 13.11
C CYS B 172 -20.15 31.18 12.03
N THR B 173 -19.76 32.26 11.35
CA THR B 173 -18.68 32.17 10.37
C THR B 173 -17.30 32.11 11.01
N LEU B 174 -17.21 32.39 12.32
CA LEU B 174 -15.92 32.24 13.01
C LEU B 174 -15.78 30.88 13.64
N SER B 175 -16.83 30.06 13.60
CA SER B 175 -16.76 28.73 14.19
C SER B 175 -16.39 27.70 13.14
N ILE B 176 -16.73 27.99 11.87
CA ILE B 176 -16.39 27.14 10.75
C ILE B 176 -14.88 27.11 10.54
N PHE B 177 -14.23 28.26 10.69
CA PHE B 177 -12.77 28.31 10.56
C PHE B 177 -12.07 27.46 11.61
N CYS B 178 -12.49 27.58 12.88
CA CYS B 178 -11.83 26.84 13.94
C CYS B 178 -12.14 25.35 13.88
N ILE B 179 -13.29 24.97 13.34
CA ILE B 179 -13.58 23.55 13.24
C ILE B 179 -12.94 22.94 12.00
N GLY B 180 -12.87 23.68 10.89
CA GLY B 180 -12.14 23.18 9.74
C GLY B 180 -10.67 23.03 10.05
N PHE B 181 -10.11 23.98 10.82
CA PHE B 181 -8.70 23.89 11.18
C PHE B 181 -8.44 22.69 12.08
N LEU B 182 -9.29 22.48 13.10
CA LEU B 182 -9.02 21.36 14.00
C LEU B 182 -9.26 20.02 13.32
N ALA B 183 -10.26 19.93 12.45
CA ALA B 183 -10.54 18.68 11.75
C ALA B 183 -9.54 18.40 10.63
N THR B 184 -8.86 19.41 10.11
CA THR B 184 -7.80 19.17 9.13
C THR B 184 -6.47 18.89 9.80
N PHE B 185 -6.27 19.38 11.02
CA PHE B 185 -5.02 19.09 11.71
C PHE B 185 -5.05 17.72 12.39
N MET B 186 -6.23 17.25 12.82
CA MET B 186 -6.30 15.96 13.47
C MET B 186 -6.35 14.79 12.50
N LYS B 187 -6.51 15.04 11.20
CA LYS B 187 -6.51 13.97 10.21
C LYS B 187 -5.16 13.77 9.55
N LEU B 188 -4.18 14.62 9.83
CA LEU B 188 -2.83 14.48 9.28
C LEU B 188 -1.89 13.75 10.22
N TYR B 189 -2.39 13.29 11.36
CA TYR B 189 -1.58 12.50 12.27
C TYR B 189 -1.29 11.14 11.66
N PRO B 190 -0.06 10.62 11.79
CA PRO B 190 0.29 9.38 11.09
C PRO B 190 -0.53 8.18 11.51
N SER B 191 -1.06 8.17 12.73
CA SER B 191 -1.86 7.04 13.20
C SER B 191 -3.31 7.08 12.72
N MET B 192 -3.73 8.16 12.06
CA MET B 192 -5.10 8.32 11.61
C MET B 192 -5.22 8.26 10.09
N LYS B 193 -4.27 7.61 9.42
CA LYS B 193 -4.27 7.60 7.96
C LYS B 193 -5.41 6.76 7.38
N ALA B 194 -5.88 5.76 8.12
CA ALA B 194 -6.93 4.88 7.64
C ALA B 194 -8.34 5.34 8.03
N TYR B 195 -8.48 6.53 8.61
CA TYR B 195 -9.76 6.99 9.13
C TYR B 195 -10.22 8.32 8.51
N GLU B 196 -9.83 8.62 7.27
CA GLU B 196 -10.21 9.91 6.70
C GLU B 196 -11.68 9.96 6.32
N TYR B 197 -12.32 8.80 6.15
CA TYR B 197 -13.75 8.77 5.84
C TYR B 197 -14.60 9.14 7.04
N GLY B 198 -14.01 9.17 8.24
CA GLY B 198 -14.75 9.52 9.44
C GLY B 198 -14.55 10.98 9.80
N PHE B 199 -13.50 11.60 9.27
CA PHE B 199 -13.29 13.03 9.44
C PHE B 199 -14.00 13.83 8.35
N ARG B 200 -14.14 13.25 7.16
CA ARG B 200 -14.86 13.95 6.11
C ARG B 200 -16.35 14.03 6.45
N VAL B 201 -16.90 12.97 7.04
CA VAL B 201 -18.32 12.99 7.39
C VAL B 201 -18.57 13.95 8.54
N PHE B 202 -17.56 14.17 9.38
CA PHE B 202 -17.69 15.09 10.50
C PHE B 202 -17.70 16.53 10.01
N LEU B 203 -16.77 16.87 9.12
CA LEU B 203 -16.77 18.22 8.56
C LEU B 203 -18.04 18.49 7.76
N LEU B 204 -18.48 17.52 6.95
CA LEU B 204 -19.69 17.72 6.15
C LEU B 204 -20.91 17.92 7.04
N THR B 205 -21.08 17.10 8.08
CA THR B 205 -22.24 17.23 8.95
C THR B 205 -22.24 18.57 9.68
N TYR B 206 -21.08 18.97 10.22
CA TYR B 206 -21.02 20.23 10.94
C TYR B 206 -21.39 21.39 10.03
N CYS B 207 -20.79 21.44 8.83
CA CYS B 207 -21.08 22.57 7.96
C CYS B 207 -22.54 22.59 7.52
N TYR B 208 -23.06 21.42 7.12
CA TYR B 208 -24.43 21.36 6.61
C TYR B 208 -25.45 21.78 7.66
N ILE B 209 -25.24 21.40 8.92
CA ILE B 209 -26.23 21.74 9.92
C ILE B 209 -26.20 23.22 10.28
N LEU B 210 -25.03 23.85 10.23
CA LEU B 210 -24.93 25.27 10.53
C LEU B 210 -25.42 26.14 9.39
N ILE B 211 -25.15 25.73 8.14
CA ILE B 211 -25.54 26.54 6.98
C ILE B 211 -26.95 26.24 6.49
N SER B 212 -27.59 25.17 6.98
CA SER B 212 -28.93 24.81 6.55
C SER B 212 -30.01 25.18 7.56
N GLY B 213 -29.63 25.66 8.73
CA GLY B 213 -30.60 26.03 9.74
C GLY B 213 -30.63 27.51 10.06
N PHE B 214 -29.66 28.26 9.53
CA PHE B 214 -29.62 29.70 9.80
C PHE B 214 -30.93 30.37 9.39
N ARG B 215 -31.48 29.99 8.24
CA ARG B 215 -32.76 30.50 7.80
C ARG B 215 -33.88 29.66 8.42
N THR B 216 -34.85 30.32 9.03
CA THR B 216 -36.00 29.70 9.69
C THR B 216 -35.64 29.13 11.06
N GLY B 217 -34.44 29.40 11.56
CA GLY B 217 -33.98 28.91 12.85
C GLY B 217 -34.54 27.56 13.28
N GLN B 218 -34.39 26.55 12.43
CA GLN B 218 -34.83 25.19 12.71
C GLN B 218 -33.62 24.27 12.71
N PHE B 219 -33.20 23.84 13.89
CA PHE B 219 -32.00 23.03 14.07
C PHE B 219 -32.28 21.64 14.61
N ILE B 220 -33.48 21.39 15.14
CA ILE B 220 -33.83 20.08 15.69
C ILE B 220 -34.76 19.31 14.75
N GLU B 221 -35.22 19.94 13.68
CA GLU B 221 -36.03 19.29 12.66
C GLU B 221 -35.27 19.00 11.38
N VAL B 222 -34.11 19.64 11.18
CA VAL B 222 -33.29 19.37 10.01
C VAL B 222 -32.35 18.18 10.22
N ALA B 223 -32.36 17.58 11.41
CA ALA B 223 -31.51 16.44 11.72
C ALA B 223 -32.30 15.20 12.09
N ILE B 224 -33.42 15.36 12.81
CA ILE B 224 -34.18 14.21 13.25
C ILE B 224 -34.85 13.53 12.06
N SER B 225 -35.32 14.33 11.10
CA SER B 225 -35.93 13.75 9.91
C SER B 225 -34.85 13.12 9.03
N ARG B 226 -33.84 13.89 8.66
CA ARG B 226 -32.77 13.41 7.79
C ARG B 226 -31.92 12.31 8.42
N PHE B 227 -32.18 11.90 9.65
CA PHE B 227 -31.48 10.74 10.21
C PHE B 227 -32.25 9.43 10.09
N LEU B 228 -33.59 9.48 10.17
CA LEU B 228 -34.37 8.26 10.01
C LEU B 228 -34.24 7.67 8.61
N LEU B 229 -34.15 8.53 7.59
CA LEU B 229 -33.99 8.04 6.23
C LEU B 229 -32.63 7.38 6.03
N ILE B 230 -31.60 7.92 6.70
CA ILE B 230 -30.28 7.30 6.63
C ILE B 230 -30.30 5.96 7.35
N ALA B 231 -31.01 5.88 8.48
CA ALA B 231 -31.14 4.62 9.19
C ALA B 231 -31.86 3.58 8.34
N LEU B 232 -32.88 4.00 7.59
CA LEU B 232 -33.62 3.04 6.77
C LEU B 232 -32.77 2.55 5.59
N GLY B 233 -31.97 3.44 5.00
CA GLY B 233 -31.09 3.00 3.93
C GLY B 233 -30.02 2.06 4.42
N ALA B 234 -29.49 2.31 5.63
CA ALA B 234 -28.46 1.41 6.16
C ALA B 234 -29.06 0.08 6.58
N GLY B 235 -30.30 0.08 7.07
CA GLY B 235 -30.95 -1.16 7.43
C GLY B 235 -31.21 -2.04 6.22
N VAL B 236 -31.68 -1.44 5.12
CA VAL B 236 -31.90 -2.22 3.92
C VAL B 236 -30.58 -2.74 3.37
N SER B 237 -29.53 -1.92 3.40
CA SER B 237 -28.22 -2.37 2.92
C SER B 237 -27.72 -3.55 3.73
N LEU B 238 -27.83 -3.47 5.07
CA LEU B 238 -27.31 -4.54 5.91
C LEU B 238 -28.12 -5.82 5.75
N GLY B 239 -29.44 -5.71 5.61
CA GLY B 239 -30.24 -6.91 5.44
C GLY B 239 -29.94 -7.62 4.14
N VAL B 240 -29.82 -6.85 3.05
CA VAL B 240 -29.55 -7.48 1.76
C VAL B 240 -28.14 -8.06 1.73
N ASN B 241 -27.18 -7.37 2.35
CA ASN B 241 -25.81 -7.90 2.35
C ASN B 241 -25.70 -9.16 3.19
N MET B 242 -26.40 -9.22 4.32
CA MET B 242 -26.20 -10.32 5.25
C MET B 242 -27.06 -11.54 4.96
N PHE B 243 -28.17 -11.42 4.23
CA PHE B 243 -29.05 -12.58 4.05
C PHE B 243 -29.11 -13.11 2.62
N ILE B 244 -28.24 -12.66 1.72
CA ILE B 244 -28.20 -13.16 0.35
C ILE B 244 -26.74 -13.45 0.00
N TYR B 245 -26.31 -14.70 0.22
CA TYR B 245 -24.96 -15.14 -0.11
C TYR B 245 -23.89 -14.27 0.53
N PRO B 246 -23.78 -14.28 1.85
CA PRO B 246 -22.78 -13.43 2.52
C PRO B 246 -21.35 -13.83 2.16
N ILE B 247 -20.46 -12.84 2.19
CA ILE B 247 -19.03 -13.04 2.01
C ILE B 247 -18.35 -12.63 3.30
N TRP B 248 -17.51 -13.52 3.84
CA TRP B 248 -16.91 -13.31 5.14
C TRP B 248 -15.42 -13.04 5.01
N ALA B 249 -14.89 -12.30 5.98
CA ALA B 249 -13.49 -11.88 5.97
C ALA B 249 -12.55 -12.84 6.67
N GLY B 250 -13.06 -13.87 7.35
CA GLY B 250 -12.15 -14.85 7.92
C GLY B 250 -11.90 -16.00 6.96
N GLU B 251 -12.76 -16.09 5.94
CA GLU B 251 -12.62 -17.12 4.94
C GLU B 251 -11.73 -16.66 3.79
N ASP B 252 -11.37 -15.38 3.76
CA ASP B 252 -10.35 -14.92 2.82
C ASP B 252 -8.97 -14.96 3.42
N LEU B 253 -8.87 -14.95 4.75
CA LEU B 253 -7.60 -15.06 5.44
C LEU B 253 -7.21 -16.52 5.62
N HIS B 254 -8.19 -17.38 5.89
CA HIS B 254 -7.92 -18.81 5.95
C HIS B 254 -7.45 -19.31 4.59
N ASN B 255 -8.01 -18.75 3.52
CA ASN B 255 -7.59 -19.12 2.16
C ASN B 255 -6.26 -18.49 1.77
N LEU B 256 -6.00 -17.25 2.20
CA LEU B 256 -4.75 -16.59 1.87
C LEU B 256 -3.55 -17.31 2.47
N VAL B 257 -3.69 -17.82 3.71
CA VAL B 257 -2.58 -18.55 4.32
C VAL B 257 -2.25 -19.79 3.49
N VAL B 258 -3.28 -20.51 3.05
CA VAL B 258 -3.07 -21.73 2.29
C VAL B 258 -2.48 -21.42 0.92
N LYS B 259 -2.83 -20.28 0.33
CA LYS B 259 -2.25 -19.93 -0.97
C LYS B 259 -0.77 -19.57 -0.82
N ASN B 260 -0.42 -18.86 0.25
CA ASN B 260 0.98 -18.51 0.44
C ASN B 260 1.83 -19.75 0.68
N PHE B 261 1.29 -20.74 1.40
CA PHE B 261 2.05 -21.96 1.65
C PHE B 261 2.41 -22.69 0.36
N MET B 262 1.62 -22.53 -0.70
CA MET B 262 1.93 -23.18 -1.96
C MET B 262 2.80 -22.31 -2.86
N ASN B 263 2.63 -20.99 -2.77
CA ASN B 263 3.48 -20.11 -3.57
C ASN B 263 4.93 -20.21 -3.14
N VAL B 264 5.19 -20.33 -1.84
CA VAL B 264 6.59 -20.41 -1.40
C VAL B 264 7.24 -21.69 -1.90
N ALA B 265 6.50 -22.81 -1.91
CA ALA B 265 7.06 -24.06 -2.41
C ALA B 265 7.33 -23.98 -3.92
N THR B 266 6.41 -23.40 -4.67
CA THR B 266 6.64 -23.26 -6.10
C THR B 266 7.86 -22.39 -6.38
N SER B 267 8.00 -21.30 -5.63
CA SER B 267 9.16 -20.42 -5.82
C SER B 267 10.46 -21.14 -5.51
N LEU B 268 10.50 -21.91 -4.42
CA LEU B 268 11.73 -22.63 -4.08
C LEU B 268 12.11 -23.61 -5.17
N GLU B 269 11.14 -24.38 -5.67
CA GLU B 269 11.45 -25.36 -6.70
C GLU B 269 11.92 -24.67 -7.98
N GLY B 270 11.27 -23.57 -8.36
CA GLY B 270 11.68 -22.85 -9.54
C GLY B 270 13.06 -22.24 -9.41
N CYS B 271 13.42 -21.79 -8.21
CA CYS B 271 14.75 -21.20 -8.02
C CYS B 271 15.83 -22.27 -8.14
N VAL B 272 15.61 -23.44 -7.54
CA VAL B 272 16.65 -24.46 -7.62
C VAL B 272 16.79 -24.98 -9.04
N ASN B 273 15.65 -25.09 -9.76
CA ASN B 273 15.73 -25.54 -11.15
C ASN B 273 16.41 -24.50 -12.03
N GLY B 274 16.11 -23.22 -11.82
CA GLY B 274 16.76 -22.18 -12.60
C GLY B 274 18.25 -22.11 -12.35
N TYR B 275 18.68 -22.32 -11.10
CA TYR B 275 20.11 -22.31 -10.83
C TYR B 275 20.80 -23.51 -11.49
N LEU B 276 20.17 -24.69 -11.46
CA LEU B 276 20.82 -25.86 -12.03
C LEU B 276 20.57 -26.01 -13.53
N ARG B 277 19.83 -25.09 -14.14
CA ARG B 277 19.58 -25.17 -15.58
C ARG B 277 20.89 -25.14 -16.36
N CYS B 278 20.92 -25.88 -17.45
CA CYS B 278 22.12 -25.98 -18.28
C CYS B 278 22.17 -24.84 -19.30
N VAL B 298 8.82 -18.03 -9.79
CA VAL B 298 10.12 -17.89 -9.14
C VAL B 298 10.20 -16.53 -8.45
N TYR B 299 9.29 -15.63 -8.83
CA TYR B 299 9.23 -14.27 -8.29
C TYR B 299 7.89 -13.96 -7.66
N LYS B 300 6.79 -14.27 -8.36
CA LYS B 300 5.47 -13.93 -7.86
C LYS B 300 5.17 -14.59 -6.53
N GLY B 301 5.58 -15.86 -6.37
CA GLY B 301 5.28 -16.58 -5.15
C GLY B 301 5.81 -15.89 -3.89
N TYR B 302 7.13 -15.71 -3.83
CA TYR B 302 7.70 -15.07 -2.65
C TYR B 302 7.32 -13.60 -2.57
N ARG B 303 7.12 -12.92 -3.70
CA ARG B 303 6.69 -11.53 -3.64
C ARG B 303 5.30 -11.41 -3.01
N SER B 304 4.41 -12.35 -3.32
CA SER B 304 3.08 -12.34 -2.71
C SER B 304 3.14 -12.75 -1.25
N ALA B 305 4.02 -13.70 -0.92
CA ALA B 305 4.12 -14.17 0.46
C ALA B 305 4.94 -13.24 1.35
N VAL B 306 5.58 -12.21 0.80
CA VAL B 306 6.37 -11.27 1.58
C VAL B 306 5.77 -9.87 1.58
N GLU B 307 4.67 -9.64 0.85
CA GLU B 307 4.12 -8.30 0.69
C GLU B 307 2.64 -8.20 1.04
N SER B 308 2.04 -9.23 1.64
CA SER B 308 0.62 -9.22 1.96
C SER B 308 0.32 -9.11 3.45
N THR B 309 1.30 -8.66 4.25
CA THR B 309 1.06 -8.52 5.68
C THR B 309 -0.09 -7.54 5.96
N SER B 310 -0.22 -6.50 5.14
CA SER B 310 -1.27 -5.52 5.37
C SER B 310 -2.64 -6.10 5.03
N GLN B 311 -2.72 -6.91 3.98
CA GLN B 311 -3.97 -7.58 3.69
C GLN B 311 -4.37 -8.49 4.84
N GLU B 312 -3.39 -9.17 5.43
CA GLU B 312 -3.64 -10.09 6.53
C GLU B 312 -3.89 -9.38 7.85
N GLU B 313 -3.65 -8.06 7.92
CA GLU B 313 -4.00 -7.31 9.11
C GLU B 313 -5.34 -6.60 8.95
N SER B 314 -5.68 -6.18 7.74
CA SER B 314 -7.00 -5.62 7.49
C SER B 314 -8.08 -6.71 7.56
N LEU B 315 -7.80 -7.88 6.98
CA LEU B 315 -8.77 -8.96 7.08
C LEU B 315 -8.97 -9.40 8.51
N MET B 316 -7.93 -9.29 9.35
CA MET B 316 -8.06 -9.61 10.76
C MET B 316 -8.73 -8.50 11.56
N SER B 317 -8.68 -7.26 11.07
CA SER B 317 -9.42 -6.18 11.72
C SER B 317 -10.87 -6.14 11.25
N PHE B 318 -11.21 -6.86 10.19
CA PHE B 318 -12.59 -7.00 9.75
C PHE B 318 -13.25 -8.28 10.22
N ALA B 319 -12.47 -9.33 10.49
CA ALA B 319 -13.02 -10.61 10.91
C ALA B 319 -13.41 -10.66 12.38
N ILE B 320 -13.03 -9.66 13.17
CA ILE B 320 -13.36 -9.66 14.60
C ILE B 320 -14.74 -9.10 14.88
N TRP B 321 -15.43 -8.58 13.87
CA TRP B 321 -16.76 -8.00 14.02
C TRP B 321 -17.88 -8.97 13.62
N GLU B 322 -17.54 -10.09 13.00
CA GLU B 322 -18.47 -11.06 12.42
C GLU B 322 -18.92 -12.08 13.47
N PRO B 323 -20.20 -12.48 13.41
CA PRO B 323 -20.72 -13.45 14.38
C PRO B 323 -20.27 -14.86 14.07
N PRO B 324 -20.37 -15.77 15.03
CA PRO B 324 -19.99 -17.17 14.79
C PRO B 324 -20.78 -17.78 13.64
N HIS B 325 -20.10 -18.58 12.83
CA HIS B 325 -20.75 -19.19 11.68
C HIS B 325 -19.88 -20.32 11.13
N GLY B 326 -20.52 -21.22 10.39
CA GLY B 326 -19.85 -22.31 9.71
C GLY B 326 -19.01 -23.20 10.59
N PRO B 327 -17.74 -23.38 10.22
CA PRO B 327 -16.83 -24.22 11.00
C PRO B 327 -16.17 -23.48 12.15
N TYR B 328 -16.18 -22.15 12.09
CA TYR B 328 -15.53 -21.31 13.10
C TYR B 328 -16.61 -20.86 14.08
N LYS B 329 -16.96 -21.74 15.00
CA LYS B 329 -18.03 -21.50 15.96
C LYS B 329 -17.42 -21.40 17.36
N SER B 330 -17.13 -20.16 17.76
CA SER B 330 -16.63 -19.85 19.09
C SER B 330 -16.71 -18.34 19.28
N PHE B 331 -16.91 -17.92 20.52
CA PHE B 331 -17.10 -16.50 20.79
C PHE B 331 -15.83 -15.70 20.46
N ASN B 332 -14.67 -16.19 20.87
CA ASN B 332 -13.38 -15.55 20.58
C ASN B 332 -12.56 -16.49 19.71
N TYR B 333 -12.49 -16.21 18.41
CA TYR B 333 -11.73 -17.11 17.54
C TYR B 333 -10.27 -16.68 17.50
N PRO B 334 -9.33 -17.61 17.67
CA PRO B 334 -7.91 -17.25 17.60
C PRO B 334 -7.46 -16.85 16.21
N TRP B 335 -7.82 -15.65 15.77
CA TRP B 335 -7.42 -15.16 14.46
C TRP B 335 -5.96 -14.71 14.40
N LYS B 336 -5.38 -14.33 15.54
CA LYS B 336 -4.00 -13.85 15.57
C LYS B 336 -3.00 -14.96 15.30
N ASN B 337 -3.33 -16.21 15.61
CA ASN B 337 -2.41 -17.30 15.33
C ASN B 337 -2.20 -17.54 13.84
N TYR B 338 -3.15 -17.10 13.00
CA TYR B 338 -2.94 -17.19 11.56
C TYR B 338 -1.89 -16.17 11.11
N VAL B 339 -1.91 -14.98 11.72
CA VAL B 339 -0.90 -13.98 11.41
C VAL B 339 0.46 -14.43 11.92
N LYS B 340 0.49 -15.07 13.09
CA LYS B 340 1.76 -15.59 13.60
C LYS B 340 2.36 -16.64 12.68
N LEU B 341 1.51 -17.54 12.17
CA LEU B 341 2.00 -18.55 11.22
C LEU B 341 2.47 -17.90 9.92
N SER B 342 1.74 -16.90 9.43
CA SER B 342 2.16 -16.20 8.22
C SER B 342 3.50 -15.50 8.40
N GLY B 343 3.75 -14.91 9.58
CA GLY B 343 5.03 -14.28 9.82
C GLY B 343 6.16 -15.29 9.89
N ALA B 344 5.89 -16.45 10.50
CA ALA B 344 6.90 -17.50 10.54
C ALA B 344 7.25 -17.97 9.14
N LEU B 345 6.26 -18.02 8.24
CA LEU B 345 6.54 -18.42 6.86
C LEU B 345 7.26 -17.33 6.07
N LYS B 346 6.97 -16.06 6.33
CA LYS B 346 7.66 -15.00 5.60
C LYS B 346 9.13 -14.90 6.01
N HIS B 347 9.43 -15.25 7.26
CA HIS B 347 10.83 -15.27 7.67
C HIS B 347 11.62 -16.29 6.86
N CYS B 348 11.01 -17.44 6.57
CA CYS B 348 11.62 -18.41 5.66
C CYS B 348 11.69 -17.89 4.23
N ALA B 349 10.65 -17.19 3.77
CA ALA B 349 10.62 -16.72 2.38
C ALA B 349 11.70 -15.69 2.08
N PHE B 350 12.21 -14.99 3.10
CA PHE B 350 13.35 -14.11 2.85
C PHE B 350 14.55 -14.85 2.26
N THR B 351 14.87 -16.03 2.81
CA THR B 351 15.96 -16.83 2.25
C THR B 351 15.73 -17.16 0.77
N VAL B 352 14.48 -17.43 0.39
CA VAL B 352 14.19 -17.74 -1.00
C VAL B 352 14.40 -16.52 -1.88
N MET B 353 14.01 -15.35 -1.39
CA MET B 353 14.32 -14.12 -2.11
C MET B 353 15.82 -13.95 -2.30
N ALA B 354 16.61 -14.30 -1.29
CA ALA B 354 18.07 -14.21 -1.45
C ALA B 354 18.61 -15.24 -2.44
N LEU B 355 17.99 -16.42 -2.51
CA LEU B 355 18.43 -17.41 -3.48
C LEU B 355 18.07 -16.99 -4.90
N HIS B 356 16.96 -16.27 -5.06
CA HIS B 356 16.65 -15.71 -6.38
C HIS B 356 17.61 -14.59 -6.74
N GLY B 357 17.97 -13.76 -5.75
CA GLY B 357 18.99 -12.74 -5.98
C GLY B 357 20.31 -13.33 -6.43
N CYS B 358 20.67 -14.50 -5.90
CA CYS B 358 21.92 -15.14 -6.31
C CYS B 358 21.94 -15.46 -7.81
N ILE B 359 20.78 -15.73 -8.41
CA ILE B 359 20.73 -16.02 -9.85
C ILE B 359 20.98 -14.77 -10.68
N LEU B 360 20.60 -13.59 -10.19
CA LEU B 360 20.77 -12.35 -10.93
C LEU B 360 22.12 -11.68 -10.69
N SER B 361 23.01 -12.29 -9.92
CA SER B 361 24.27 -11.65 -9.57
C SER B 361 25.18 -11.53 -10.79
N GLU B 362 25.89 -10.40 -10.87
CA GLU B 362 26.82 -10.18 -11.97
C GLU B 362 27.91 -11.25 -12.00
N ILE B 363 28.36 -11.70 -10.84
CA ILE B 363 29.45 -12.66 -10.72
C ILE B 363 28.86 -14.05 -10.52
N GLN B 364 29.14 -14.96 -11.46
CA GLN B 364 28.61 -16.31 -11.43
C GLN B 364 29.75 -17.31 -11.63
N ALA B 365 29.50 -18.56 -11.19
CA ALA B 365 30.40 -19.70 -11.18
C ALA B 365 30.29 -20.52 -12.46
N PRO B 366 31.38 -21.16 -12.88
CA PRO B 366 31.32 -22.04 -14.06
C PRO B 366 30.31 -23.16 -13.88
N GLU B 367 29.52 -23.41 -14.92
CA GLU B 367 28.48 -24.43 -14.85
C GLU B 367 29.07 -25.81 -14.59
N GLU B 368 30.18 -26.14 -15.25
CA GLU B 368 30.83 -27.43 -15.03
C GLU B 368 31.12 -27.69 -13.57
N ARG B 369 31.41 -26.64 -12.79
CA ARG B 369 31.62 -26.84 -11.36
C ARG B 369 30.30 -27.02 -10.62
N ARG B 370 29.24 -26.33 -11.05
CA ARG B 370 27.93 -26.54 -10.44
C ARG B 370 27.44 -27.97 -10.64
N GLN B 371 27.77 -28.57 -11.79
CA GLN B 371 27.29 -29.91 -12.10
C GLN B 371 27.95 -31.01 -11.25
N VAL B 372 28.80 -30.66 -10.30
CA VAL B 372 29.35 -31.66 -9.40
C VAL B 372 28.42 -31.94 -8.22
N PHE B 373 27.71 -30.91 -7.74
CA PHE B 373 26.79 -31.03 -6.62
C PHE B 373 25.34 -31.11 -7.06
N ARG B 374 25.12 -31.38 -8.35
CA ARG B 374 23.81 -31.42 -8.98
C ARG B 374 22.81 -32.38 -8.33
N GLN B 375 23.25 -33.28 -7.45
CA GLN B 375 22.32 -34.29 -6.92
C GLN B 375 21.84 -34.03 -5.49
N GLU B 376 22.48 -33.14 -4.74
CA GLU B 376 22.03 -32.89 -3.37
C GLU B 376 21.16 -31.65 -3.25
N LEU B 377 21.24 -30.73 -4.21
CA LEU B 377 20.39 -29.55 -4.19
C LEU B 377 18.99 -29.88 -4.65
N GLN B 378 18.85 -30.79 -5.62
CA GLN B 378 17.51 -31.13 -6.08
C GLN B 378 16.78 -31.97 -5.07
N ARG B 379 17.51 -32.83 -4.33
CA ARG B 379 16.89 -33.58 -3.26
C ARG B 379 16.46 -32.66 -2.11
N VAL B 380 17.30 -31.68 -1.75
CA VAL B 380 16.90 -30.74 -0.71
C VAL B 380 15.66 -29.96 -1.14
N GLY B 381 15.64 -29.51 -2.40
CA GLY B 381 14.50 -28.75 -2.88
C GLY B 381 13.22 -29.57 -2.89
N VAL B 382 13.29 -30.79 -3.43
CA VAL B 382 12.11 -31.66 -3.47
C VAL B 382 11.58 -31.89 -2.06
N GLU B 383 12.46 -32.14 -1.09
CA GLU B 383 11.97 -32.42 0.26
C GLU B 383 11.36 -31.19 0.89
N GLY B 384 11.97 -30.02 0.69
CA GLY B 384 11.39 -28.80 1.23
C GLY B 384 10.03 -28.47 0.64
N ALA B 385 9.89 -28.67 -0.67
CA ALA B 385 8.60 -28.38 -1.31
C ALA B 385 7.54 -29.35 -0.85
N LYS B 386 7.88 -30.63 -0.69
CA LYS B 386 6.90 -31.59 -0.21
C LYS B 386 6.46 -31.27 1.21
N LEU B 387 7.40 -30.86 2.06
CA LEU B 387 7.04 -30.50 3.43
C LEU B 387 6.12 -29.29 3.47
N LEU B 388 6.45 -28.24 2.70
CA LEU B 388 5.59 -27.07 2.67
C LEU B 388 4.21 -27.38 2.12
N ARG B 389 4.11 -28.30 1.15
CA ARG B 389 2.79 -28.62 0.62
C ARG B 389 1.99 -29.50 1.58
N GLU B 390 2.66 -30.31 2.40
CA GLU B 390 1.95 -31.09 3.39
C GLU B 390 1.43 -30.20 4.51
N LEU B 391 2.23 -29.23 4.93
CA LEU B 391 1.73 -28.26 5.92
C LEU B 391 0.56 -27.46 5.37
N GLY B 392 0.63 -27.03 4.11
CA GLY B 392 -0.51 -26.33 3.51
C GLY B 392 -1.76 -27.19 3.49
N GLU B 393 -1.63 -28.44 3.06
CA GLU B 393 -2.79 -29.32 2.98
C GLU B 393 -3.40 -29.59 4.36
N LYS B 394 -2.55 -29.74 5.38
CA LYS B 394 -3.07 -29.93 6.72
C LYS B 394 -3.78 -28.68 7.23
N VAL B 395 -3.21 -27.50 6.98
CA VAL B 395 -3.89 -26.27 7.41
C VAL B 395 -5.25 -26.12 6.76
N LYS B 396 -5.34 -26.43 5.46
CA LYS B 396 -6.62 -26.25 4.76
C LYS B 396 -7.70 -27.16 5.31
N LYS B 397 -7.38 -28.42 5.59
CA LYS B 397 -8.37 -29.37 6.07
C LYS B 397 -8.55 -29.38 7.60
N MET B 398 -7.84 -28.52 8.32
CA MET B 398 -7.94 -28.42 9.78
C MET B 398 -7.74 -29.75 10.50
N GLU B 399 -6.54 -30.33 10.36
CA GLU B 399 -6.19 -31.55 11.07
C GLU B 399 -4.85 -31.39 11.76
N LYS B 400 -4.73 -31.95 12.96
CA LYS B 400 -3.48 -31.94 13.71
C LYS B 400 -2.41 -32.76 13.01
N LEU B 401 -1.16 -32.47 13.36
CA LEU B 401 -0.02 -33.22 12.85
C LEU B 401 0.03 -34.61 13.48
N GLY B 402 0.31 -35.62 12.64
CA GLY B 402 0.45 -36.97 13.12
C GLY B 402 1.73 -37.18 13.90
N PRO B 403 1.97 -38.42 14.30
CA PRO B 403 3.15 -38.70 15.14
C PRO B 403 4.48 -38.63 14.39
N VAL B 404 4.55 -39.14 13.16
CA VAL B 404 5.80 -39.17 12.43
C VAL B 404 6.35 -37.76 12.24
N ASP B 405 7.65 -37.59 12.54
CA ASP B 405 8.32 -36.31 12.38
C ASP B 405 8.51 -36.00 10.90
N LEU B 406 7.99 -34.86 10.46
CA LEU B 406 8.06 -34.47 9.05
C LEU B 406 9.41 -33.91 8.62
N LEU B 407 10.29 -33.57 9.57
CA LEU B 407 11.58 -32.96 9.26
C LEU B 407 12.74 -33.97 9.16
N PHE B 408 12.45 -35.27 9.22
CA PHE B 408 13.53 -36.26 9.23
C PHE B 408 14.25 -36.35 7.87
N GLU B 409 13.48 -36.47 6.79
CA GLU B 409 14.08 -36.59 5.47
C GLU B 409 14.79 -35.33 5.02
N VAL B 410 14.29 -34.16 5.41
CA VAL B 410 14.94 -32.91 5.03
C VAL B 410 16.27 -32.77 5.75
N HIS B 411 16.31 -33.12 7.04
CA HIS B 411 17.57 -33.06 7.76
C HIS B 411 18.56 -34.09 7.23
N LEU B 412 18.07 -35.25 6.79
CA LEU B 412 18.97 -36.24 6.20
C LEU B 412 19.58 -35.71 4.91
N ALA B 413 18.76 -35.03 4.09
CA ALA B 413 19.27 -34.54 2.82
C ALA B 413 20.22 -33.39 3.04
N ALA B 414 20.03 -32.62 4.11
CA ALA B 414 20.91 -31.50 4.36
C ALA B 414 22.26 -31.97 4.88
N GLU B 415 22.24 -32.99 5.76
CA GLU B 415 23.50 -33.58 6.19
C GLU B 415 24.26 -34.19 5.01
N GLU B 416 23.53 -34.79 4.06
CA GLU B 416 24.20 -35.33 2.88
C GLU B 416 24.82 -34.22 2.02
N LEU B 417 24.09 -33.12 1.84
CA LEU B 417 24.66 -31.94 1.19
C LEU B 417 25.95 -31.51 1.87
N GLN B 418 25.91 -31.33 3.19
CA GLN B 418 27.09 -30.93 3.94
C GLN B 418 28.26 -31.87 3.69
N HIS B 419 28.02 -33.17 3.71
CA HIS B 419 29.11 -34.12 3.47
C HIS B 419 29.67 -33.98 2.06
N LYS B 420 28.80 -33.82 1.07
CA LYS B 420 29.28 -33.64 -0.30
C LYS B 420 30.11 -32.37 -0.45
N ILE B 421 29.69 -31.29 0.21
CA ILE B 421 30.47 -30.06 0.17
C ILE B 421 31.82 -30.27 0.83
N ASP B 422 31.84 -31.03 1.92
CA ASP B 422 33.10 -31.26 2.64
C ASP B 422 34.09 -32.05 1.78
N LYS B 423 33.61 -33.04 1.03
CA LYS B 423 34.53 -33.86 0.24
C LYS B 423 35.15 -33.09 -0.93
N LYS B 424 34.48 -32.06 -1.44
CA LYS B 424 34.92 -31.39 -2.66
C LYS B 424 35.26 -29.92 -2.44
N SER B 425 35.54 -29.51 -1.20
CA SER B 425 35.85 -28.11 -0.91
C SER B 425 37.09 -27.60 -1.65
N TYR B 426 37.86 -28.47 -2.30
CA TYR B 426 39.02 -28.02 -3.06
C TYR B 426 38.65 -27.28 -4.33
N LEU B 427 37.37 -27.24 -4.71
CA LEU B 427 36.93 -26.46 -5.86
C LEU B 427 36.43 -25.08 -5.49
N LEU B 428 36.30 -24.78 -4.21
CA LEU B 428 35.78 -23.48 -3.77
C LEU B 428 36.87 -22.45 -3.59
N VAL B 429 38.09 -22.86 -3.24
CA VAL B 429 39.19 -21.95 -2.99
C VAL B 429 40.39 -22.38 -3.82
N ASN B 430 41.54 -21.73 -3.60
CA ASN B 430 42.76 -22.06 -4.32
C ASN B 430 43.90 -22.10 -3.31
N SER B 431 44.37 -23.30 -2.98
CA SER B 431 45.39 -23.46 -1.95
C SER B 431 46.76 -22.98 -2.41
N GLU B 432 46.96 -22.81 -3.71
CA GLU B 432 48.27 -22.39 -4.21
C GLU B 432 48.71 -21.08 -3.58
N CYS B 433 47.76 -20.17 -3.34
CA CYS B 433 48.06 -18.85 -2.80
C CYS B 433 47.99 -18.81 -1.27
N TRP B 434 48.04 -19.97 -0.62
CA TRP B 434 47.91 -20.02 0.83
C TRP B 434 49.13 -19.41 1.50
N GLU B 435 48.93 -18.90 2.71
CA GLU B 435 50.02 -18.30 3.49
C GLU B 435 49.74 -18.38 4.98
N LYS B 527 43.82 -13.80 -10.94
CA LYS B 527 42.78 -12.78 -11.04
C LYS B 527 41.77 -12.91 -9.91
N THR B 528 41.05 -11.82 -9.63
CA THR B 528 40.05 -11.81 -8.57
C THR B 528 38.67 -12.20 -9.07
N TYR B 529 38.38 -12.01 -10.36
CA TYR B 529 37.06 -12.36 -10.87
C TYR B 529 36.85 -13.87 -10.86
N GLU B 530 37.90 -14.63 -11.17
CA GLU B 530 37.76 -16.08 -11.13
C GLU B 530 37.66 -16.59 -9.69
N SER B 531 38.35 -15.94 -8.76
CA SER B 531 38.22 -16.31 -7.36
C SER B 531 36.81 -16.05 -6.86
N ALA B 532 36.22 -14.91 -7.24
CA ALA B 532 34.86 -14.60 -6.81
C ALA B 532 33.85 -15.55 -7.47
N SER B 533 34.05 -15.84 -8.75
CA SER B 533 33.16 -16.80 -9.42
C SER B 533 33.22 -18.17 -8.74
N ALA B 534 34.41 -18.61 -8.35
CA ALA B 534 34.52 -19.87 -7.62
C ALA B 534 33.83 -19.80 -6.27
N LEU B 535 34.07 -18.73 -5.51
CA LEU B 535 33.47 -18.57 -4.19
C LEU B 535 31.97 -18.28 -4.23
N SER B 536 31.37 -18.11 -5.41
CA SER B 536 29.94 -17.82 -5.49
C SER B 536 29.05 -19.05 -5.27
N LEU B 537 29.57 -20.27 -5.41
CA LEU B 537 28.76 -21.47 -5.20
C LEU B 537 28.50 -21.73 -3.72
N ALA B 538 29.49 -21.44 -2.87
CA ALA B 538 29.33 -21.66 -1.44
C ALA B 538 28.23 -20.77 -0.86
N THR B 539 28.06 -19.56 -1.38
CA THR B 539 26.95 -18.71 -0.94
C THR B 539 25.61 -19.39 -1.16
N PHE B 540 25.40 -19.92 -2.36
CA PHE B 540 24.15 -20.61 -2.69
C PHE B 540 23.92 -21.82 -1.78
N ALA B 541 24.98 -22.61 -1.56
CA ALA B 541 24.85 -23.78 -0.69
C ALA B 541 24.53 -23.38 0.75
N SER B 542 25.24 -22.37 1.28
CA SER B 542 24.97 -21.90 2.63
C SER B 542 23.56 -21.34 2.77
N LEU B 543 23.04 -20.71 1.71
CA LEU B 543 21.69 -20.16 1.79
C LEU B 543 20.65 -21.28 1.84
N LEU B 544 20.78 -22.27 0.96
CA LEU B 544 19.92 -23.46 1.06
C LEU B 544 19.96 -24.07 2.46
N ILE B 545 21.16 -24.19 3.03
CA ILE B 545 21.30 -24.77 4.37
C ILE B 545 20.58 -23.92 5.41
N GLU B 546 20.73 -22.61 5.33
CA GLU B 546 20.02 -21.72 6.26
C GLU B 546 18.51 -21.85 6.14
N PHE B 547 17.99 -21.92 4.91
CA PHE B 547 16.56 -22.16 4.71
C PHE B 547 16.11 -23.40 5.47
N VAL B 548 16.86 -24.49 5.33
CA VAL B 548 16.49 -25.72 6.03
C VAL B 548 16.55 -25.50 7.54
N ALA B 549 17.62 -24.88 8.03
CA ALA B 549 17.76 -24.60 9.46
C ALA B 549 16.61 -23.76 10.01
N ARG B 550 15.97 -22.96 9.16
CA ARG B 550 14.86 -22.12 9.61
C ARG B 550 13.50 -22.81 9.54
N LEU B 551 13.35 -23.82 8.67
CA LEU B 551 12.07 -24.50 8.52
C LEU B 551 11.37 -24.88 9.84
N GLN B 552 12.12 -25.05 10.94
CA GLN B 552 11.54 -25.59 12.18
C GLN B 552 10.53 -24.63 12.83
N ASN B 553 10.78 -23.33 12.76
CA ASN B 553 9.90 -22.36 13.41
C ASN B 553 8.48 -22.42 12.84
N VAL B 554 8.34 -22.73 11.56
CA VAL B 554 7.01 -22.83 10.97
C VAL B 554 6.25 -24.00 11.58
N VAL B 555 6.92 -25.12 11.82
CA VAL B 555 6.26 -26.27 12.44
C VAL B 555 5.86 -25.94 13.86
N ASP B 556 6.74 -25.23 14.59
CA ASP B 556 6.37 -24.87 15.96
C ASP B 556 5.14 -23.97 15.99
N ALA B 557 5.10 -22.97 15.09
CA ALA B 557 3.95 -22.08 15.03
C ALA B 557 2.68 -22.85 14.64
N PHE B 558 2.80 -23.79 13.71
CA PHE B 558 1.63 -24.58 13.32
C PHE B 558 1.10 -25.39 14.49
N LYS B 559 1.98 -26.00 15.28
CA LYS B 559 1.52 -26.76 16.42
C LYS B 559 0.82 -25.86 17.43
N GLU B 560 1.37 -24.66 17.66
CA GLU B 560 0.71 -23.73 18.57
C GLU B 560 -0.69 -23.36 18.06
N LEU B 561 -0.81 -23.08 16.76
CA LEU B 561 -2.11 -22.73 16.21
C LEU B 561 -3.10 -23.89 16.31
N SER B 562 -2.65 -25.10 15.99
CA SER B 562 -3.54 -26.26 16.05
C SER B 562 -3.92 -26.60 17.48
N GLN B 563 -3.16 -26.12 18.47
CA GLN B 563 -3.56 -26.34 19.85
C GLN B 563 -4.50 -25.26 20.37
N LYS B 564 -4.27 -24.00 20.00
CA LYS B 564 -5.17 -22.93 20.42
C LYS B 564 -6.58 -23.14 19.89
N ALA B 565 -6.70 -23.55 18.64
CA ALA B 565 -7.99 -23.89 18.04
C ALA B 565 -8.16 -25.39 18.01
N ASN B 566 -9.37 -25.86 18.31
CA ASN B 566 -9.62 -27.29 18.38
C ASN B 566 -9.62 -27.91 16.99
N PHE B 567 -8.47 -28.40 16.55
CA PHE B 567 -8.35 -29.06 15.26
C PHE B 567 -8.71 -30.53 15.39
N LYS B 568 -9.28 -31.08 14.33
CA LYS B 568 -9.72 -32.47 14.33
C LYS B 568 -8.52 -33.42 14.45
N GLU B 569 -8.73 -34.53 15.12
CA GLU B 569 -7.70 -35.54 15.23
C GLU B 569 -7.41 -36.13 13.84
N PRO B 570 -6.14 -36.35 13.51
CA PRO B 570 -5.84 -36.94 12.20
C PRO B 570 -6.41 -38.35 12.10
N GLU B 571 -6.89 -38.69 10.90
CA GLU B 571 -7.50 -39.99 10.67
C GLU B 571 -6.45 -41.10 10.64
#